data_6URV
#
_entry.id   6URV
#
_cell.length_a   60.019
_cell.length_b   151.670
_cell.length_c   60.255
_cell.angle_alpha   90.000
_cell.angle_beta   111.268
_cell.angle_gamma   90.000
#
_symmetry.space_group_name_H-M   'P 1 21 1'
#
loop_
_entity.id
_entity.type
_entity.pdbx_description
1 polymer NS2B
2 polymer 'NS3 protease'
3 water water
#
loop_
_entity_poly.entity_id
_entity_poly.type
_entity_poly.pdbx_seq_one_letter_code
_entity_poly.pdbx_strand_id
1 'polypeptide(L)' MDGLELRKLGEVSWEEEAEISGSSARYDVTLSEQGEFKLLSEEKVPWDGGGGSGGGG A,G,E,C
2 'polypeptide(L)'
;WDIPTPKIIEECEYLEDGIYGIFQSTFLGASQRGVGVAQGGVFHTMWHVTRGAFLVRNGKKLVPSWASVKEDLVAYGGSW
KLDGRWDGEEEVQLIAAAPGKNVVNVQTKPSLFKVKNGGEIGAVALDYPSGTSGSPIVNRNGEVIGLYGNGILVGDNSFV
SAISQTEVKEE
;
H,F,D,B
#
# COMPACT_ATOMS: atom_id res chain seq x y z
N MET A 1 3.97 8.65 6.06
CA MET A 1 3.95 8.45 4.62
C MET A 1 3.63 7.01 4.26
N ASP A 2 3.11 6.28 5.25
CA ASP A 2 2.73 4.88 5.07
C ASP A 2 1.23 4.69 4.87
N GLY A 3 0.42 5.64 5.32
CA GLY A 3 -1.01 5.56 5.16
C GLY A 3 -1.60 6.88 4.76
N LEU A 4 -2.92 6.98 4.74
CA LEU A 4 -3.59 8.20 4.35
C LEU A 4 -4.24 8.82 5.58
N GLU A 5 -4.29 10.15 5.62
CA GLU A 5 -4.76 10.88 6.77
C GLU A 5 -6.12 11.49 6.43
N LEU A 6 -6.97 11.61 7.44
CA LEU A 6 -8.31 12.11 7.25
C LEU A 6 -8.40 13.54 7.75
N ARG A 7 -9.15 14.36 7.02
CA ARG A 7 -9.39 15.75 7.39
C ARG A 7 -10.87 16.03 7.18
N LYS A 8 -11.48 16.67 8.15
CA LYS A 8 -12.89 16.98 8.05
C LYS A 8 -13.05 18.26 7.23
N LEU A 9 -13.95 18.22 6.24
CA LEU A 9 -14.20 19.36 5.38
C LEU A 9 -15.62 19.89 5.44
N GLY A 10 -16.54 19.13 6.01
CA GLY A 10 -17.92 19.57 6.14
C GLY A 10 -18.76 18.45 6.70
N GLU A 11 -20.07 18.68 6.72
CA GLU A 11 -20.99 17.72 7.30
C GLU A 11 -22.14 17.48 6.34
N VAL A 12 -22.64 16.24 6.30
CA VAL A 12 -23.64 15.83 5.33
C VAL A 12 -24.99 16.44 5.70
N SER A 13 -25.59 17.14 4.74
CA SER A 13 -26.85 17.82 4.95
C SER A 13 -27.45 18.07 3.58
N TRP A 14 -28.73 18.43 3.57
CA TRP A 14 -29.39 18.87 2.35
C TRP A 14 -29.55 20.38 2.43
N GLU A 15 -28.90 21.08 1.51
CA GLU A 15 -29.01 22.54 1.45
C GLU A 15 -30.18 22.88 0.54
N GLU A 16 -31.11 23.71 1.06
CA GLU A 16 -32.36 23.93 0.35
C GLU A 16 -32.15 24.83 -0.87
N GLU A 17 -31.18 25.74 -0.81
CA GLU A 17 -30.88 26.67 -1.90
C GLU A 17 -29.83 26.14 -2.88
N ALA A 18 -29.45 24.86 -2.77
CA ALA A 18 -28.35 24.32 -3.55
C ALA A 18 -28.59 24.43 -5.05
N GLU A 19 -27.51 24.66 -5.80
CA GLU A 19 -27.61 24.89 -7.23
C GLU A 19 -27.93 23.59 -7.97
N ILE A 20 -28.85 23.68 -8.92
CA ILE A 20 -29.27 22.53 -9.72
C ILE A 20 -28.50 22.50 -11.04
N SER A 21 -28.02 21.32 -11.40
CA SER A 21 -27.28 21.10 -12.63
C SER A 21 -27.49 19.65 -13.06
N GLY A 22 -26.71 19.21 -14.05
CA GLY A 22 -26.86 17.86 -14.55
C GLY A 22 -27.95 17.70 -15.59
N SER A 23 -28.05 16.47 -16.08
CA SER A 23 -29.04 16.08 -17.08
C SER A 23 -29.52 14.68 -16.75
N SER A 24 -30.82 14.44 -16.91
CA SER A 24 -31.42 13.14 -16.63
C SER A 24 -31.55 12.35 -17.93
N ALA A 25 -31.02 11.13 -17.93
CA ALA A 25 -31.07 10.24 -19.08
C ALA A 25 -30.96 8.80 -18.59
N ARG A 26 -31.35 7.87 -19.45
CA ARG A 26 -31.28 6.46 -19.13
C ARG A 26 -30.24 5.78 -20.01
N TYR A 27 -29.33 5.03 -19.38
CA TYR A 27 -28.27 4.31 -20.07
C TYR A 27 -28.32 2.86 -19.63
N ASP A 28 -28.20 1.92 -20.56
CA ASP A 28 -28.08 0.52 -20.20
C ASP A 28 -26.62 0.09 -20.35
N VAL A 29 -26.05 -0.44 -19.27
CA VAL A 29 -24.62 -0.68 -19.14
C VAL A 29 -24.42 -2.11 -18.65
N THR A 30 -23.19 -2.59 -18.82
CA THR A 30 -22.79 -3.86 -18.25
C THR A 30 -21.90 -3.60 -17.04
N LEU A 31 -22.00 -4.48 -16.05
CA LEU A 31 -21.20 -4.39 -14.83
C LEU A 31 -20.40 -5.66 -14.65
N SER A 32 -19.09 -5.52 -14.58
CA SER A 32 -18.21 -6.65 -14.34
C SER A 32 -18.19 -7.00 -12.85
N GLU A 33 -17.63 -8.17 -12.54
CA GLU A 33 -17.45 -8.57 -11.15
C GLU A 33 -16.45 -7.69 -10.42
N GLN A 34 -15.62 -6.93 -11.15
CA GLN A 34 -14.67 -6.02 -10.53
C GLN A 34 -15.24 -4.61 -10.37
N GLY A 35 -16.57 -4.45 -10.45
CA GLY A 35 -17.19 -3.17 -10.21
C GLY A 35 -17.02 -2.17 -11.33
N GLU A 36 -16.63 -2.63 -12.52
CA GLU A 36 -16.43 -1.77 -13.67
C GLU A 36 -17.74 -1.59 -14.43
N PHE A 37 -17.99 -0.38 -14.89
CA PHE A 37 -19.18 -0.03 -15.65
C PHE A 37 -18.79 0.30 -17.09
N LYS A 38 -19.54 -0.25 -18.05
CA LYS A 38 -19.29 0.03 -19.45
C LYS A 38 -20.62 0.03 -20.20
N LEU A 39 -20.66 0.76 -21.30
CA LEU A 39 -21.89 0.87 -22.11
C LEU A 39 -21.97 -0.23 -23.16
N GLU B 13 17.76 8.34 -27.69
CA GLU B 13 18.07 9.55 -26.93
C GLU B 13 17.02 10.64 -27.19
N TYR B 14 16.50 10.70 -28.40
CA TYR B 14 15.50 11.71 -28.72
C TYR B 14 14.18 11.42 -28.01
N LEU B 15 13.54 12.50 -27.52
CA LEU B 15 12.23 12.41 -26.90
C LEU B 15 11.23 12.97 -27.90
N GLU B 16 10.33 12.11 -28.37
CA GLU B 16 9.41 12.48 -29.44
C GLU B 16 8.58 13.71 -29.05
N ASP B 17 8.47 14.64 -29.98
CA ASP B 17 7.71 15.86 -29.74
C ASP B 17 6.24 15.54 -29.49
N GLY B 18 5.63 16.26 -28.58
CA GLY B 18 4.25 16.03 -28.22
C GLY B 18 4.03 16.36 -26.76
N ILE B 19 2.79 16.17 -26.31
CA ILE B 19 2.40 16.44 -24.94
C ILE B 19 2.46 15.13 -24.16
N TYR B 20 3.19 15.15 -23.06
CA TYR B 20 3.36 13.98 -22.22
C TYR B 20 2.71 14.23 -20.86
N GLY B 21 2.24 13.16 -20.24
CA GLY B 21 1.73 13.21 -18.89
C GLY B 21 2.76 12.65 -17.93
N ILE B 22 2.92 13.34 -16.80
CA ILE B 22 3.83 12.90 -15.76
C ILE B 22 3.03 12.07 -14.76
N PHE B 23 3.47 10.84 -14.53
CA PHE B 23 2.73 9.88 -13.74
C PHE B 23 3.56 9.49 -12.52
N GLN B 24 2.91 9.47 -11.36
CA GLN B 24 3.55 9.11 -10.11
C GLN B 24 3.02 7.78 -9.63
N SER B 25 3.92 6.95 -9.12
CA SER B 25 3.58 5.59 -8.71
C SER B 25 3.66 5.50 -7.19
N THR B 26 2.54 5.15 -6.58
CA THR B 26 2.44 4.89 -5.15
C THR B 26 1.91 3.49 -4.94
N PHE B 27 1.82 3.07 -3.69
CA PHE B 27 1.21 1.78 -3.39
C PHE B 27 -0.25 1.73 -3.79
N LEU B 28 -0.86 2.87 -4.14
CA LEU B 28 -2.23 2.91 -4.62
C LEU B 28 -2.33 2.93 -6.14
N GLY B 29 -1.20 2.99 -6.85
CA GLY B 29 -1.18 2.81 -8.28
C GLY B 29 -0.41 3.93 -8.95
N ALA B 30 -0.65 4.09 -10.25
CA ALA B 30 -0.06 5.16 -11.04
C ALA B 30 -1.14 6.20 -11.31
N SER B 31 -0.82 7.46 -11.03
CA SER B 31 -1.78 8.54 -11.21
C SER B 31 -1.09 9.72 -11.89
N GLN B 32 -1.88 10.44 -12.68
CA GLN B 32 -1.43 11.59 -13.45
C GLN B 32 -1.23 12.77 -12.51
N ARG B 33 0.03 13.06 -12.18
CA ARG B 33 0.30 14.25 -11.39
C ARG B 33 0.38 15.49 -12.26
N GLY B 34 0.53 15.36 -13.58
CA GLY B 34 0.56 16.54 -14.44
C GLY B 34 0.87 16.23 -15.90
N VAL B 35 1.01 17.33 -16.66
CA VAL B 35 1.32 17.32 -18.09
C VAL B 35 2.51 18.22 -18.39
N GLY B 36 3.27 17.69 -19.35
CA GLY B 36 4.53 18.26 -19.85
C GLY B 36 4.43 18.54 -21.33
N VAL B 37 5.47 19.10 -21.92
CA VAL B 37 5.42 19.41 -23.36
C VAL B 37 6.81 19.21 -23.95
N ALA B 38 7.00 18.15 -24.72
CA ALA B 38 8.31 17.92 -25.37
C ALA B 38 8.40 18.74 -26.66
N GLN B 39 9.54 19.41 -26.81
CA GLN B 39 9.86 20.19 -28.00
C GLN B 39 11.37 20.35 -28.10
N GLY B 40 11.92 20.08 -29.27
CA GLY B 40 13.34 20.21 -29.47
C GLY B 40 14.18 19.24 -28.67
N GLY B 41 13.58 18.15 -28.19
CA GLY B 41 14.27 17.14 -27.42
C GLY B 41 14.43 17.44 -25.95
N VAL B 42 13.82 18.50 -25.45
CA VAL B 42 13.82 18.81 -24.01
C VAL B 42 12.37 18.84 -23.54
N PHE B 43 12.13 18.40 -22.31
CA PHE B 43 10.78 18.31 -21.77
C PHE B 43 10.52 19.49 -20.84
N HIS B 44 9.39 20.16 -21.05
CA HIS B 44 9.04 21.35 -20.30
C HIS B 44 7.73 21.14 -19.55
N THR B 45 7.72 21.52 -18.29
CA THR B 45 6.55 21.38 -17.45
C THR B 45 6.69 22.37 -16.29
N MET B 46 5.64 22.45 -15.49
CA MET B 46 5.61 23.35 -14.34
C MET B 46 6.46 22.77 -13.21
N TRP B 47 7.20 23.64 -12.53
CA TRP B 47 8.11 23.17 -11.49
C TRP B 47 7.37 22.44 -10.37
N HIS B 48 6.16 22.91 -10.02
CA HIS B 48 5.44 22.33 -8.89
C HIS B 48 4.93 20.91 -9.16
N VAL B 49 4.92 20.53 -10.39
CA VAL B 49 4.39 19.21 -10.76
C VAL B 49 5.46 18.17 -10.47
N THR B 50 6.68 18.51 -10.72
CA THR B 50 7.82 17.60 -10.62
C THR B 50 8.72 17.90 -9.43
N ARG B 51 8.88 19.16 -9.05
CA ARG B 51 9.81 19.58 -7.99
C ARG B 51 11.19 18.97 -8.14
N GLY B 52 11.69 18.92 -9.37
CA GLY B 52 13.05 18.48 -9.63
C GLY B 52 13.27 16.99 -9.62
N ALA B 53 12.21 16.20 -9.51
CA ALA B 53 12.36 14.75 -9.60
C ALA B 53 12.70 14.35 -11.03
N PHE B 54 13.42 13.25 -11.17
CA PHE B 54 13.81 12.79 -12.49
C PHE B 54 12.66 12.08 -13.17
N LEU B 55 12.62 12.17 -14.49
CA LEU B 55 11.64 11.45 -15.28
C LEU B 55 12.30 10.26 -15.97
N VAL B 56 11.49 9.27 -16.35
CA VAL B 56 11.98 8.15 -17.17
C VAL B 56 10.91 7.73 -18.16
N ARG B 57 11.34 7.52 -19.40
CA ARG B 57 10.53 6.96 -20.47
C ARG B 57 11.38 5.88 -21.12
N ASN B 58 10.91 4.64 -21.06
CA ASN B 58 11.63 3.48 -21.60
C ASN B 58 13.08 3.46 -21.11
N GLY B 59 13.26 3.68 -19.81
CA GLY B 59 14.55 3.59 -19.17
C GLY B 59 15.46 4.79 -19.32
N LYS B 60 15.00 5.88 -19.96
CA LYS B 60 15.82 7.07 -20.10
C LYS B 60 15.50 8.05 -18.98
N LYS B 61 16.50 8.38 -18.17
CA LYS B 61 16.31 9.23 -16.99
C LYS B 61 16.71 10.65 -17.34
N LEU B 62 15.76 11.58 -17.18
CA LEU B 62 15.98 12.99 -17.45
C LEU B 62 15.97 13.72 -16.11
N VAL B 63 16.98 14.55 -15.88
CA VAL B 63 17.12 15.26 -14.62
C VAL B 63 17.08 16.74 -14.97
N PRO B 64 16.65 17.64 -14.09
CA PRO B 64 16.45 19.04 -14.50
C PRO B 64 17.75 19.74 -14.91
N SER B 65 17.70 20.42 -16.05
CA SER B 65 18.82 21.19 -16.57
C SER B 65 18.65 22.68 -16.33
N TRP B 66 17.42 23.15 -16.17
CA TRP B 66 17.15 24.53 -15.84
C TRP B 66 15.85 24.56 -15.05
N ALA B 67 15.84 25.39 -14.00
CA ALA B 67 14.66 25.55 -13.17
C ALA B 67 14.71 26.93 -12.53
N SER B 68 13.53 27.51 -12.35
CA SER B 68 13.31 28.78 -11.67
C SER B 68 12.06 28.67 -10.79
N VAL B 69 12.24 28.75 -9.47
CA VAL B 69 11.10 28.57 -8.58
C VAL B 69 10.05 29.66 -8.76
N LYS B 70 10.44 30.88 -9.13
CA LYS B 70 9.45 31.96 -9.22
C LYS B 70 8.61 31.88 -10.50
N GLU B 71 9.17 31.34 -11.58
CA GLU B 71 8.33 31.08 -12.76
C GLU B 71 7.56 29.79 -12.65
N ASP B 72 7.97 28.90 -11.76
CA ASP B 72 7.34 27.58 -11.63
C ASP B 72 7.44 26.79 -12.93
N LEU B 73 8.59 26.92 -13.60
CA LEU B 73 8.84 26.22 -14.86
C LEU B 73 10.18 25.50 -14.77
N VAL B 74 10.26 24.31 -15.39
CA VAL B 74 11.45 23.47 -15.32
C VAL B 74 11.64 22.79 -16.66
N ALA B 75 12.91 22.62 -17.08
CA ALA B 75 13.25 21.95 -18.31
C ALA B 75 14.23 20.81 -18.02
N TYR B 76 14.11 19.72 -18.78
CA TYR B 76 14.89 18.50 -18.57
C TYR B 76 15.68 18.14 -19.82
N GLY B 77 16.97 17.90 -19.59
CA GLY B 77 17.94 17.44 -20.58
C GLY B 77 18.24 18.50 -21.62
N GLY B 78 18.00 19.77 -21.31
CA GLY B 78 18.28 20.81 -22.31
C GLY B 78 17.81 22.17 -21.87
N SER B 79 17.99 23.18 -22.72
CA SER B 79 17.59 24.57 -22.38
C SER B 79 16.11 24.75 -22.69
N TRP B 80 15.56 25.89 -22.30
CA TRP B 80 14.14 26.07 -22.52
C TRP B 80 13.88 26.40 -24.01
N LYS B 81 13.10 25.54 -24.67
CA LYS B 81 12.92 25.59 -26.11
C LYS B 81 11.55 26.14 -26.55
N LEU B 82 10.72 26.60 -25.62
CA LEU B 82 9.41 27.17 -25.93
C LEU B 82 9.54 28.68 -26.13
N ASP B 83 9.22 29.16 -27.33
CA ASP B 83 9.46 30.54 -27.68
C ASP B 83 8.20 31.37 -27.92
N GLY B 84 7.02 30.74 -27.95
CA GLY B 84 5.80 31.50 -28.23
C GLY B 84 5.48 32.52 -27.17
N ARG B 85 4.88 33.64 -27.60
CA ARG B 85 4.49 34.72 -26.70
C ARG B 85 3.13 35.28 -27.11
N TRP B 86 2.32 35.62 -26.11
CA TRP B 86 0.98 36.14 -26.32
C TRP B 86 1.02 37.59 -26.82
N ASP B 87 0.08 37.93 -27.72
CA ASP B 87 0.01 39.27 -28.30
C ASP B 87 -0.57 40.32 -27.35
N GLY B 88 -1.50 39.92 -26.48
CA GLY B 88 -2.20 40.84 -25.60
C GLY B 88 -3.68 40.98 -25.91
N GLU B 89 -4.13 40.50 -27.06
CA GLU B 89 -5.55 40.52 -27.41
C GLU B 89 -6.00 39.28 -28.17
N GLU B 90 -5.09 38.36 -28.48
CA GLU B 90 -5.44 37.15 -29.21
C GLU B 90 -6.30 36.20 -28.38
N GLU B 91 -7.26 35.57 -29.04
CA GLU B 91 -7.89 34.38 -28.49
C GLU B 91 -6.92 33.20 -28.54
N VAL B 92 -6.83 32.47 -27.44
CA VAL B 92 -5.83 31.42 -27.27
C VAL B 92 -6.57 30.09 -27.04
N GLN B 93 -5.83 28.99 -27.13
CA GLN B 93 -6.38 27.66 -26.95
C GLN B 93 -5.57 26.87 -25.94
N LEU B 94 -6.28 26.12 -25.09
CA LEU B 94 -5.68 25.28 -24.06
C LEU B 94 -5.88 23.83 -24.42
N ILE B 95 -4.78 23.09 -24.52
CA ILE B 95 -4.81 21.65 -24.69
C ILE B 95 -4.96 21.04 -23.30
N ALA B 96 -6.15 20.55 -22.98
CA ALA B 96 -6.47 20.10 -21.63
C ALA B 96 -6.38 18.59 -21.60
N ALA B 97 -5.31 18.09 -20.99
CA ALA B 97 -5.14 16.65 -20.80
C ALA B 97 -5.61 16.31 -19.39
N ALA B 98 -6.93 16.38 -19.21
CA ALA B 98 -7.52 16.06 -17.94
C ALA B 98 -7.25 14.59 -17.59
N PRO B 99 -7.07 14.28 -16.30
CA PRO B 99 -6.73 12.90 -15.92
C PRO B 99 -7.84 11.93 -16.25
N GLY B 100 -7.48 10.88 -16.98
CA GLY B 100 -8.43 9.85 -17.36
C GLY B 100 -9.39 10.23 -18.46
N LYS B 101 -9.22 11.40 -19.08
CA LYS B 101 -10.13 11.90 -20.10
C LYS B 101 -9.39 12.20 -21.39
N ASN B 102 -10.14 12.20 -22.48
CA ASN B 102 -9.59 12.51 -23.80
C ASN B 102 -9.14 13.97 -23.87
N VAL B 103 -8.06 14.18 -24.61
CA VAL B 103 -7.55 15.53 -24.84
C VAL B 103 -8.59 16.36 -25.60
N VAL B 104 -8.91 17.53 -25.05
CA VAL B 104 -9.87 18.44 -25.67
C VAL B 104 -9.21 19.81 -25.77
N ASN B 105 -9.48 20.50 -26.87
CA ASN B 105 -9.01 21.87 -27.08
C ASN B 105 -10.15 22.83 -26.77
N VAL B 106 -9.84 23.87 -26.00
CA VAL B 106 -10.81 24.90 -25.62
C VAL B 106 -10.18 26.27 -25.86
N GLN B 107 -10.93 27.16 -26.51
CA GLN B 107 -10.48 28.50 -26.87
C GLN B 107 -11.15 29.53 -25.97
N THR B 108 -10.40 30.61 -25.67
CA THR B 108 -10.89 31.63 -24.76
C THR B 108 -10.34 32.99 -25.15
N LYS B 109 -11.10 34.04 -24.84
CA LYS B 109 -10.52 35.37 -24.76
C LYS B 109 -9.84 35.47 -23.38
N PRO B 110 -8.53 35.60 -23.34
CA PRO B 110 -7.84 35.46 -22.05
C PRO B 110 -8.12 36.62 -21.11
N SER B 111 -7.89 36.34 -19.83
CA SER B 111 -7.89 37.36 -18.80
C SER B 111 -6.44 37.77 -18.57
N LEU B 112 -6.23 38.67 -17.61
CA LEU B 112 -4.88 39.15 -17.36
C LEU B 112 -4.67 39.41 -15.86
N PHE B 113 -3.45 39.15 -15.42
CA PHE B 113 -3.00 39.37 -14.06
C PHE B 113 -2.08 40.58 -14.04
N LYS B 114 -2.48 41.62 -13.32
CA LYS B 114 -1.60 42.76 -13.10
C LYS B 114 -0.83 42.48 -11.82
N VAL B 115 0.48 42.26 -11.94
CA VAL B 115 1.29 41.84 -10.80
C VAL B 115 1.59 43.06 -9.95
N LYS B 116 1.42 42.90 -8.62
CA LYS B 116 1.57 44.02 -7.70
C LYS B 116 2.94 44.70 -7.83
N ASN B 117 4.00 43.94 -8.06
CA ASN B 117 5.31 44.52 -8.29
C ASN B 117 5.98 43.81 -9.47
N GLY B 118 5.27 43.82 -10.59
CA GLY B 118 5.78 43.21 -11.82
C GLY B 118 5.15 43.84 -13.03
N GLY B 119 4.75 43.02 -13.98
CA GLY B 119 4.18 43.49 -15.22
C GLY B 119 2.83 42.84 -15.48
N GLU B 120 2.30 43.03 -16.67
CA GLU B 120 1.05 42.36 -17.03
C GLU B 120 1.36 40.97 -17.55
N ILE B 121 0.53 40.01 -17.19
CA ILE B 121 0.68 38.62 -17.64
C ILE B 121 -0.70 38.05 -17.93
N GLY B 122 -0.80 37.27 -19.01
CA GLY B 122 -2.08 36.75 -19.44
C GLY B 122 -2.58 35.61 -18.56
N ALA B 123 -3.90 35.43 -18.57
CA ALA B 123 -4.53 34.42 -17.73
C ALA B 123 -5.72 33.81 -18.46
N VAL B 124 -6.07 32.58 -18.06
CA VAL B 124 -7.15 31.82 -18.66
C VAL B 124 -8.10 31.38 -17.56
N ALA B 125 -9.38 31.70 -17.72
CA ALA B 125 -10.41 31.34 -16.74
C ALA B 125 -11.10 30.06 -17.16
N LEU B 126 -10.38 28.95 -17.01
CA LEU B 126 -10.94 27.62 -17.21
C LEU B 126 -10.53 26.73 -16.06
N ASP B 127 -11.51 26.16 -15.37
CA ASP B 127 -11.27 25.42 -14.14
C ASP B 127 -11.15 23.93 -14.48
N TYR B 128 -9.95 23.40 -14.37
CA TYR B 128 -9.69 21.99 -14.61
C TYR B 128 -8.95 21.43 -13.42
N PRO B 129 -9.10 20.14 -13.13
CA PRO B 129 -8.49 19.59 -11.92
C PRO B 129 -6.97 19.68 -11.99
N SER B 130 -6.34 19.57 -10.82
CA SER B 130 -4.89 19.43 -10.79
C SER B 130 -4.52 18.08 -11.39
N GLY B 131 -3.39 18.04 -12.05
CA GLY B 131 -3.03 16.96 -12.93
C GLY B 131 -3.23 17.33 -14.39
N THR B 132 -4.02 18.38 -14.63
CA THR B 132 -4.01 19.10 -15.88
C THR B 132 -2.93 20.19 -15.87
N SER B 133 -2.32 20.40 -14.71
CA SER B 133 -1.27 21.41 -14.59
C SER B 133 -0.05 21.00 -15.41
N GLY B 134 0.51 21.97 -16.14
CA GLY B 134 1.57 21.72 -17.09
C GLY B 134 1.13 21.52 -18.52
N SER B 135 -0.17 21.62 -18.79
CA SER B 135 -0.66 21.47 -20.15
C SER B 135 -0.36 22.72 -20.96
N PRO B 136 -0.18 22.59 -22.27
CA PRO B 136 0.17 23.77 -23.08
C PRO B 136 -1.03 24.58 -23.50
N ILE B 137 -0.81 25.88 -23.60
CA ILE B 137 -1.73 26.82 -24.23
C ILE B 137 -1.01 27.39 -25.44
N VAL B 138 -1.68 27.38 -26.60
CA VAL B 138 -1.02 27.63 -27.87
C VAL B 138 -1.78 28.66 -28.69
N ASN B 139 -1.05 29.29 -29.62
CA ASN B 139 -1.57 30.35 -30.47
C ASN B 139 -2.02 29.77 -31.82
N ARG B 140 -2.49 30.66 -32.70
CA ARG B 140 -3.04 30.22 -33.97
C ARG B 140 -1.99 29.55 -34.86
N ASN B 141 -0.72 29.90 -34.68
CA ASN B 141 0.35 29.28 -35.43
C ASN B 141 0.69 27.87 -34.94
N GLY B 142 0.16 27.47 -33.79
CA GLY B 142 0.50 26.21 -33.18
C GLY B 142 1.72 26.29 -32.28
N GLU B 143 2.28 27.48 -32.10
CA GLU B 143 3.36 27.68 -31.16
C GLU B 143 2.82 27.73 -29.74
N VAL B 144 3.67 27.37 -28.81
CA VAL B 144 3.32 27.29 -27.40
C VAL B 144 3.73 28.59 -26.72
N ILE B 145 2.75 29.28 -26.13
CA ILE B 145 3.02 30.56 -25.49
C ILE B 145 3.30 30.43 -23.99
N GLY B 146 2.85 29.36 -23.35
CA GLY B 146 3.08 29.17 -21.92
C GLY B 146 2.44 27.87 -21.47
N LEU B 147 2.65 27.56 -20.19
CA LEU B 147 2.09 26.36 -19.58
C LEU B 147 0.93 26.72 -18.65
N TYR B 148 0.10 25.72 -18.36
CA TYR B 148 -1.10 25.89 -17.55
C TYR B 148 -0.90 25.23 -16.19
N GLY B 149 -1.45 25.85 -15.14
CA GLY B 149 -1.44 25.21 -13.84
C GLY B 149 -1.12 26.06 -12.63
N ASN B 150 -0.67 27.29 -12.83
CA ASN B 150 -0.31 28.19 -11.73
C ASN B 150 -1.23 29.41 -11.76
N GLY B 151 -2.01 29.60 -10.70
CA GLY B 151 -2.90 30.74 -10.66
C GLY B 151 -3.56 30.96 -9.32
N ILE B 152 -4.71 31.64 -9.36
CA ILE B 152 -5.43 32.09 -8.19
C ILE B 152 -6.90 31.63 -8.29
N LEU B 153 -7.58 31.65 -7.14
CA LEU B 153 -9.01 31.38 -7.08
C LEU B 153 -9.82 32.65 -6.87
N VAL B 154 -10.94 32.75 -7.60
CA VAL B 154 -11.81 33.93 -7.56
C VAL B 154 -13.07 33.66 -6.74
N GLY B 155 -14.04 34.57 -6.84
CA GLY B 155 -15.19 34.56 -5.92
C GLY B 155 -16.06 33.33 -6.01
N ASP B 156 -16.34 32.86 -7.23
CA ASP B 156 -17.21 31.70 -7.40
C ASP B 156 -16.49 30.37 -7.18
N ASN B 157 -15.28 30.40 -6.62
CA ASN B 157 -14.42 29.27 -6.28
C ASN B 157 -13.78 28.71 -7.55
N SER B 158 -13.97 29.35 -8.69
CA SER B 158 -13.30 28.92 -9.91
C SER B 158 -11.81 29.22 -9.88
N PHE B 159 -11.07 28.47 -10.70
CA PHE B 159 -9.63 28.62 -10.86
C PHE B 159 -9.33 29.46 -12.09
N VAL B 160 -8.32 30.32 -11.99
CA VAL B 160 -7.78 31.04 -13.13
C VAL B 160 -6.26 30.90 -13.13
N SER B 161 -5.71 30.40 -14.24
CA SER B 161 -4.29 30.12 -14.37
C SER B 161 -3.58 31.22 -15.14
N ALA B 162 -2.29 31.35 -14.91
CA ALA B 162 -1.43 32.27 -15.66
C ALA B 162 -0.69 31.53 -16.78
N ILE B 163 -0.45 32.26 -17.88
CA ILE B 163 0.33 31.73 -19.00
C ILE B 163 1.81 31.85 -18.63
N SER B 164 2.33 30.83 -17.95
CA SER B 164 3.68 30.88 -17.40
C SER B 164 4.69 30.65 -18.51
N GLN B 165 5.48 31.68 -18.82
CA GLN B 165 6.54 31.55 -19.82
C GLN B 165 7.73 32.40 -19.44
N THR B 166 8.91 31.99 -19.90
CA THR B 166 10.15 32.72 -19.71
C THR B 166 10.36 33.71 -20.84
N ASP C 2 11.83 8.53 -5.35
CA ASP C 2 12.23 8.03 -6.66
C ASP C 2 12.06 9.10 -7.73
N GLY C 3 11.47 8.70 -8.86
CA GLY C 3 11.19 9.62 -9.95
C GLY C 3 9.83 9.34 -10.55
N LEU C 4 9.51 10.09 -11.59
CA LEU C 4 8.18 9.93 -12.23
C LEU C 4 8.36 9.48 -13.67
N GLU C 5 7.30 8.99 -14.30
CA GLU C 5 7.43 8.48 -15.67
C GLU C 5 6.49 9.26 -16.57
N LEU C 6 6.86 9.44 -17.83
CA LEU C 6 5.97 10.15 -18.78
C LEU C 6 5.37 9.13 -19.74
N ARG C 7 4.16 9.42 -20.18
CA ARG C 7 3.38 8.66 -21.17
C ARG C 7 2.82 9.71 -22.12
N LYS C 8 2.89 9.46 -23.42
CA LYS C 8 2.45 10.45 -24.43
C LYS C 8 0.93 10.53 -24.43
N LEU C 9 0.39 11.73 -24.47
CA LEU C 9 -1.08 11.87 -24.41
C LEU C 9 -1.58 12.43 -25.73
N GLY C 10 -0.68 12.97 -26.55
CA GLY C 10 -1.14 13.70 -27.75
C GLY C 10 -0.05 14.57 -28.32
N GLU C 11 -0.41 15.43 -29.28
CA GLU C 11 0.52 16.35 -29.93
C GLU C 11 -0.10 17.73 -29.99
N VAL C 12 0.76 18.75 -29.93
CA VAL C 12 0.27 20.12 -29.86
C VAL C 12 -0.28 20.54 -31.21
N SER C 13 -1.50 21.07 -31.22
CA SER C 13 -2.11 21.49 -32.47
C SER C 13 -3.22 22.48 -32.16
N TRP C 14 -3.64 23.21 -33.20
CA TRP C 14 -4.80 24.09 -33.13
C TRP C 14 -5.92 23.44 -33.93
N GLU C 15 -6.98 23.02 -33.23
CA GLU C 15 -8.15 22.44 -33.86
C GLU C 15 -9.21 23.52 -34.05
N GLU C 16 -9.72 23.63 -35.28
CA GLU C 16 -10.62 24.71 -35.63
C GLU C 16 -12.01 24.52 -35.02
N GLU C 17 -12.42 23.28 -34.78
CA GLU C 17 -13.75 22.99 -34.25
C GLU C 17 -13.81 23.04 -32.72
N ALA C 18 -12.73 23.43 -32.05
CA ALA C 18 -12.73 23.43 -30.61
C ALA C 18 -13.74 24.44 -30.08
N GLU C 19 -14.45 24.07 -29.02
CA GLU C 19 -15.47 24.93 -28.45
C GLU C 19 -14.84 26.04 -27.61
N ILE C 20 -15.32 27.27 -27.81
CA ILE C 20 -14.84 28.40 -27.03
C ILE C 20 -15.79 28.63 -25.85
N SER C 21 -15.23 28.70 -24.65
CA SER C 21 -15.97 28.93 -23.43
C SER C 21 -14.99 29.51 -22.42
N GLY C 22 -15.46 30.43 -21.57
CA GLY C 22 -14.54 31.10 -20.67
C GLY C 22 -14.88 32.56 -20.51
N SER C 23 -14.06 33.27 -19.72
CA SER C 23 -14.30 34.67 -19.40
C SER C 23 -13.00 35.48 -19.37
N SER C 24 -13.07 36.70 -19.89
CA SER C 24 -11.97 37.66 -19.88
C SER C 24 -12.23 38.75 -18.83
N ALA C 25 -11.27 38.95 -17.93
CA ALA C 25 -11.38 40.03 -16.93
C ALA C 25 -9.98 40.38 -16.44
N ARG C 26 -9.87 41.52 -15.75
CA ARG C 26 -8.59 41.99 -15.24
C ARG C 26 -8.56 41.89 -13.71
N TYR C 27 -7.51 41.26 -13.18
CA TYR C 27 -7.35 41.01 -11.74
C TYR C 27 -6.02 41.55 -11.27
N ASP C 28 -6.02 42.16 -10.08
CA ASP C 28 -4.81 42.65 -9.44
C ASP C 28 -4.34 41.60 -8.44
N VAL C 29 -3.11 41.13 -8.62
CA VAL C 29 -2.61 39.92 -8.00
C VAL C 29 -1.23 40.18 -7.40
N THR C 30 -0.84 39.34 -6.44
CA THR C 30 0.51 39.34 -5.88
C THR C 30 1.28 38.11 -6.37
N LEU C 31 2.58 38.25 -6.53
CA LEU C 31 3.48 37.15 -6.88
C LEU C 31 4.53 37.04 -5.80
N SER C 32 4.58 35.89 -5.12
CA SER C 32 5.56 35.68 -4.07
C SER C 32 6.92 35.29 -4.68
N GLU C 33 7.96 35.34 -3.84
CA GLU C 33 9.29 34.91 -4.27
C GLU C 33 9.39 33.41 -4.50
N GLN C 34 8.50 32.63 -3.92
CA GLN C 34 8.40 31.19 -4.15
C GLN C 34 7.34 30.86 -5.21
N GLY C 35 6.93 31.84 -6.00
CA GLY C 35 6.02 31.62 -7.11
C GLY C 35 4.55 31.48 -6.78
N GLU C 36 4.13 31.89 -5.59
CA GLU C 36 2.70 31.83 -5.25
C GLU C 36 2.00 33.11 -5.71
N PHE C 37 0.81 32.94 -6.27
CA PHE C 37 -0.02 34.05 -6.71
C PHE C 37 -1.28 34.08 -5.85
N LYS C 38 -1.69 35.29 -5.46
CA LYS C 38 -2.87 35.49 -4.62
C LYS C 38 -3.58 36.77 -5.04
N LEU C 39 -4.86 36.86 -4.67
CA LEU C 39 -5.80 37.96 -4.95
C LEU C 39 -6.53 37.71 -6.26
N ASP D 2 11.59 7.53 8.68
CA ASP D 2 11.90 6.22 8.13
C ASP D 2 12.94 5.49 8.97
N GLY D 3 12.51 4.96 10.11
CA GLY D 3 13.38 4.23 11.00
C GLY D 3 12.72 3.00 11.59
N LEU D 4 13.39 2.35 12.54
CA LEU D 4 12.85 1.17 13.19
C LEU D 4 12.48 1.52 14.63
N GLU D 5 11.44 0.87 15.14
CA GLU D 5 10.88 1.17 16.44
C GLU D 5 11.13 0.01 17.40
N LEU D 6 11.34 0.33 18.67
CA LEU D 6 11.67 -0.67 19.66
C LEU D 6 10.51 -0.91 20.63
N ARG D 7 10.31 -2.17 21.00
CA ARG D 7 9.30 -2.58 21.96
C ARG D 7 9.86 -3.67 22.87
N LYS D 8 9.53 -3.58 24.16
CA LYS D 8 10.02 -4.55 25.15
C LYS D 8 9.18 -5.81 25.19
N LEU D 9 9.85 -6.97 25.20
CA LEU D 9 9.16 -8.24 25.31
C LEU D 9 9.61 -9.10 26.49
N GLY D 10 10.73 -8.79 27.13
CA GLY D 10 11.16 -9.60 28.25
C GLY D 10 12.52 -9.17 28.77
N GLU D 11 13.05 -10.00 29.67
CA GLU D 11 14.32 -9.73 30.34
C GLU D 11 15.21 -10.96 30.24
N VAL D 12 16.52 -10.71 30.19
CA VAL D 12 17.48 -11.79 29.98
C VAL D 12 17.61 -12.61 31.26
N SER D 13 17.41 -13.91 31.14
CA SER D 13 17.53 -14.78 32.32
C SER D 13 17.71 -16.22 31.85
N TRP D 14 18.01 -17.09 32.81
CA TRP D 14 18.09 -18.53 32.61
C TRP D 14 16.90 -19.17 33.32
N GLU D 15 16.03 -19.83 32.57
CA GLU D 15 14.88 -20.52 33.14
C GLU D 15 15.26 -21.96 33.47
N GLU D 16 15.05 -22.36 34.72
CA GLU D 16 15.54 -23.65 35.17
C GLU D 16 14.68 -24.80 34.67
N GLU D 17 13.37 -24.59 34.53
CA GLU D 17 12.46 -25.62 34.06
C GLU D 17 12.31 -25.59 32.53
N ALA D 18 13.15 -24.82 31.87
CA ALA D 18 13.07 -24.67 30.41
C ALA D 18 13.17 -26.01 29.71
N GLU D 19 12.42 -26.16 28.63
CA GLU D 19 12.49 -27.41 27.89
C GLU D 19 13.70 -27.45 26.95
N ILE D 20 14.36 -28.61 26.93
CA ILE D 20 15.55 -28.86 26.11
C ILE D 20 15.14 -29.44 24.77
N SER D 21 15.75 -28.92 23.70
CA SER D 21 15.43 -29.32 22.33
C SER D 21 16.68 -29.14 21.47
N GLY D 22 17.71 -29.94 21.72
CA GLY D 22 18.99 -29.74 21.07
C GLY D 22 19.52 -30.86 20.18
N SER D 23 20.51 -30.46 19.39
CA SER D 23 21.23 -31.32 18.47
C SER D 23 22.65 -30.80 18.38
N SER D 24 23.65 -31.66 18.35
CA SER D 24 25.03 -31.12 18.18
C SER D 24 25.62 -31.60 16.86
N ALA D 25 26.13 -30.71 16.02
CA ALA D 25 26.74 -31.19 14.76
C ALA D 25 27.91 -30.30 14.38
N ARG D 26 29.06 -30.85 14.05
CA ARG D 26 30.18 -29.96 13.67
C ARG D 26 30.15 -29.79 12.16
N TYR D 27 30.29 -28.57 11.65
CA TYR D 27 30.24 -28.39 10.18
C TYR D 27 31.42 -27.53 9.75
N ASP D 28 31.91 -27.79 8.54
CA ASP D 28 32.99 -26.96 7.98
C ASP D 28 32.28 -25.87 7.20
N VAL D 29 32.66 -24.64 7.46
CA VAL D 29 31.93 -23.53 6.86
C VAL D 29 32.93 -22.49 6.36
N THR D 30 32.51 -21.70 5.38
CA THR D 30 33.25 -20.52 4.99
C THR D 30 32.46 -19.27 5.34
N LEU D 31 33.21 -18.20 5.66
CA LEU D 31 32.63 -16.88 5.92
C LEU D 31 33.25 -15.86 4.99
N SER D 32 32.41 -15.19 4.22
CA SER D 32 32.89 -14.16 3.32
C SER D 32 33.21 -12.88 4.10
N GLU D 33 33.89 -11.95 3.43
CA GLU D 33 34.18 -10.67 4.07
C GLU D 33 32.91 -9.87 4.33
N GLN D 34 31.79 -10.24 3.71
CA GLN D 34 30.49 -9.61 3.92
C GLN D 34 29.66 -10.33 4.98
N GLY D 35 30.27 -11.17 5.81
CA GLY D 35 29.58 -11.77 6.94
C GLY D 35 28.63 -12.90 6.60
N GLU D 36 28.72 -13.45 5.39
CA GLU D 36 27.88 -14.58 4.99
C GLU D 36 28.56 -15.89 5.35
N PHE D 37 27.76 -16.85 5.82
CA PHE D 37 28.25 -18.19 6.13
C PHE D 37 27.64 -19.19 5.16
N LYS D 38 28.47 -20.09 4.64
CA LYS D 38 28.02 -21.12 3.71
C LYS D 38 28.84 -22.39 3.88
N LEU D 39 28.25 -23.51 3.48
CA LEU D 39 28.93 -24.81 3.56
C LEU D 39 30.17 -24.86 2.67
N CYS E 12 21.59 11.09 27.18
CA CYS E 12 20.63 11.72 28.08
C CYS E 12 19.81 10.66 28.82
N GLU E 13 18.98 9.93 28.08
CA GLU E 13 18.17 8.88 28.66
C GLU E 13 18.90 7.54 28.58
N TYR E 14 18.38 6.58 29.35
CA TYR E 14 18.93 5.23 29.44
C TYR E 14 17.87 4.26 28.94
N LEU E 15 18.31 3.20 28.27
CA LEU E 15 17.40 2.21 27.71
C LEU E 15 17.37 1.04 28.68
N GLU E 16 16.18 0.74 29.20
CA GLU E 16 16.06 -0.30 30.23
C GLU E 16 16.62 -1.61 29.71
N ASP E 17 17.44 -2.26 30.54
CA ASP E 17 18.06 -3.50 30.15
C ASP E 17 16.99 -4.56 29.93
N GLY E 18 17.20 -5.38 28.91
CA GLY E 18 16.20 -6.38 28.55
C GLY E 18 16.22 -6.63 27.06
N ILE E 19 15.28 -7.47 26.65
CA ILE E 19 15.14 -7.93 25.24
C ILE E 19 14.08 -7.09 24.52
N TYR E 20 14.50 -6.46 23.43
CA TYR E 20 13.65 -5.59 22.65
C TYR E 20 13.29 -6.27 21.34
N GLY E 21 12.11 -5.94 20.82
CA GLY E 21 11.72 -6.33 19.48
C GLY E 21 11.90 -5.14 18.56
N ILE E 22 12.52 -5.39 17.40
CA ILE E 22 12.72 -4.36 16.38
C ILE E 22 11.56 -4.46 15.41
N PHE E 23 10.83 -3.37 15.24
CA PHE E 23 9.61 -3.35 14.45
C PHE E 23 9.77 -2.38 13.29
N GLN E 24 9.34 -2.86 12.11
CA GLN E 24 9.40 -2.06 10.88
C GLN E 24 8.00 -1.67 10.47
N SER E 25 7.84 -0.46 9.94
CA SER E 25 6.53 0.05 9.56
C SER E 25 6.44 0.24 8.05
N THR E 26 5.49 -0.45 7.43
CA THR E 26 5.18 -0.30 6.01
C THR E 26 3.69 0.00 5.84
N PHE E 27 3.28 0.22 4.59
CA PHE E 27 1.88 0.41 4.26
C PHE E 27 1.03 -0.82 4.57
N LEU E 28 1.64 -1.97 4.85
CA LEU E 28 0.91 -3.16 5.25
C LEU E 28 0.90 -3.37 6.76
N GLY E 29 1.57 -2.51 7.51
CA GLY E 29 1.47 -2.46 8.94
C GLY E 29 2.83 -2.47 9.58
N ALA E 30 2.86 -2.81 10.86
CA ALA E 30 4.10 -2.95 11.61
C ALA E 30 4.34 -4.44 11.85
N SER E 31 5.57 -4.89 11.56
CA SER E 31 5.94 -6.28 11.76
C SER E 31 7.29 -6.33 12.45
N GLN E 32 7.45 -7.35 13.29
CA GLN E 32 8.70 -7.50 14.06
C GLN E 32 9.78 -7.97 13.11
N ARG E 33 10.75 -7.12 12.83
CA ARG E 33 11.81 -7.49 11.88
C ARG E 33 13.00 -8.06 12.64
N GLY E 34 12.91 -8.16 13.96
CA GLY E 34 14.07 -8.69 14.68
C GLY E 34 14.03 -8.44 16.17
N VAL E 35 15.08 -8.87 16.86
CA VAL E 35 15.19 -8.73 18.30
C VAL E 35 16.57 -8.19 18.65
N GLY E 36 16.66 -7.46 19.76
CA GLY E 36 17.94 -7.08 20.29
C GLY E 36 17.92 -7.08 21.79
N VAL E 37 19.10 -6.85 22.37
CA VAL E 37 19.27 -6.84 23.82
C VAL E 37 19.89 -5.50 24.24
N ALA E 38 19.37 -4.94 25.33
CA ALA E 38 19.90 -3.74 25.95
C ALA E 38 20.66 -4.10 27.21
N GLN E 39 21.89 -3.60 27.34
CA GLN E 39 22.72 -3.87 28.49
C GLN E 39 23.72 -2.74 28.65
N GLY E 40 23.84 -2.20 29.86
CA GLY E 40 24.77 -1.11 30.04
C GLY E 40 24.42 0.16 29.30
N GLY E 41 23.16 0.30 28.88
CA GLY E 41 22.71 1.46 28.14
C GLY E 41 23.00 1.43 26.66
N VAL E 42 23.44 0.30 26.12
CA VAL E 42 23.66 0.16 24.69
C VAL E 42 22.83 -1.00 24.16
N PHE E 43 22.37 -0.85 22.92
CA PHE E 43 21.51 -1.83 22.27
C PHE E 43 22.31 -2.64 21.26
N HIS E 44 22.17 -3.97 21.33
CA HIS E 44 22.90 -4.88 20.48
C HIS E 44 21.95 -5.80 19.73
N THR E 45 22.21 -5.97 18.43
CA THR E 45 21.40 -6.82 17.59
C THR E 45 22.24 -7.23 16.38
N MET E 46 21.70 -8.11 15.57
CA MET E 46 22.41 -8.55 14.38
C MET E 46 22.34 -7.46 13.31
N TRP E 47 23.47 -7.23 12.64
CA TRP E 47 23.56 -6.15 11.66
C TRP E 47 22.56 -6.34 10.53
N HIS E 48 22.32 -7.59 10.11
CA HIS E 48 21.41 -7.83 9.00
C HIS E 48 19.98 -7.46 9.36
N VAL E 49 19.66 -7.41 10.65
CA VAL E 49 18.33 -6.98 11.08
C VAL E 49 18.18 -5.49 10.84
N THR E 50 19.27 -4.76 10.98
CA THR E 50 19.19 -3.28 11.04
C THR E 50 19.84 -2.59 9.84
N ARG E 51 20.93 -3.12 9.33
CA ARG E 51 21.66 -2.51 8.19
C ARG E 51 21.97 -1.05 8.48
N GLY E 52 22.23 -0.68 9.73
CA GLY E 52 22.56 0.68 10.08
C GLY E 52 21.40 1.63 10.22
N ALA E 53 20.17 1.14 10.15
CA ALA E 53 19.01 2.00 10.36
C ALA E 53 18.93 2.42 11.82
N PHE E 54 18.43 3.64 12.04
CA PHE E 54 18.30 4.15 13.39
C PHE E 54 17.04 3.60 14.04
N LEU E 55 17.08 3.45 15.37
CA LEU E 55 15.91 3.00 16.11
C LEU E 55 15.23 4.17 16.79
N VAL E 56 13.99 3.93 17.24
CA VAL E 56 13.22 4.93 17.97
C VAL E 56 12.49 4.24 19.11
N ARG E 57 12.61 4.83 20.31
CA ARG E 57 11.83 4.41 21.47
C ARG E 57 11.29 5.66 22.16
N ASN E 58 9.97 5.81 22.18
CA ASN E 58 9.30 6.91 22.88
C ASN E 58 10.01 8.24 22.67
N GLY E 59 10.32 8.51 21.40
CA GLY E 59 10.97 9.75 21.00
C GLY E 59 12.47 9.78 21.18
N LYS E 60 13.10 8.69 21.62
CA LYS E 60 14.55 8.63 21.72
C LYS E 60 15.10 7.93 20.47
N LYS E 61 15.95 8.65 19.74
CA LYS E 61 16.52 8.16 18.49
C LYS E 61 17.94 7.66 18.70
N LEU E 62 18.18 6.39 18.37
CA LEU E 62 19.50 5.77 18.49
C LEU E 62 20.06 5.50 17.10
N VAL E 63 21.32 5.85 16.90
CA VAL E 63 22.02 5.64 15.62
C VAL E 63 23.15 4.66 15.91
N PRO E 64 23.59 3.83 14.96
CA PRO E 64 24.60 2.83 15.30
C PRO E 64 25.91 3.49 15.68
N SER E 65 26.49 3.05 16.79
CA SER E 65 27.76 3.59 17.25
C SER E 65 28.94 2.68 16.92
N TRP E 66 28.70 1.39 16.76
CA TRP E 66 29.74 0.47 16.30
C TRP E 66 29.07 -0.70 15.60
N ALA E 67 29.65 -1.12 14.49
CA ALA E 67 29.17 -2.27 13.74
C ALA E 67 30.32 -2.88 12.96
N SER E 68 30.25 -4.19 12.78
CA SER E 68 31.22 -4.93 11.96
C SER E 68 30.43 -5.93 11.12
N VAL E 69 30.40 -5.69 9.80
CA VAL E 69 29.59 -6.49 8.89
C VAL E 69 30.08 -7.93 8.81
N LYS E 70 31.37 -8.16 9.02
CA LYS E 70 31.89 -9.52 8.90
C LYS E 70 31.45 -10.36 10.09
N GLU E 71 31.27 -9.72 11.24
CA GLU E 71 30.66 -10.33 12.42
C GLU E 71 29.13 -10.26 12.41
N ASP E 72 28.55 -9.40 11.57
CA ASP E 72 27.10 -9.21 11.50
C ASP E 72 26.53 -8.73 12.84
N LEU E 73 27.26 -7.84 13.50
CA LEU E 73 26.86 -7.31 14.79
C LEU E 73 26.90 -5.79 14.78
N VAL E 74 25.96 -5.17 15.49
CA VAL E 74 25.82 -3.72 15.53
C VAL E 74 25.47 -3.31 16.96
N ALA E 75 26.00 -2.16 17.40
CA ALA E 75 25.76 -1.64 18.73
C ALA E 75 25.20 -0.23 18.63
N TYR E 76 24.33 0.11 19.58
CA TYR E 76 23.62 1.38 19.57
C TYR E 76 23.87 2.18 20.85
N GLY E 77 24.32 3.42 20.68
CA GLY E 77 24.42 4.32 21.81
C GLY E 77 25.63 4.15 22.69
N GLY E 78 26.67 3.48 22.20
CA GLY E 78 27.88 3.31 22.97
C GLY E 78 28.62 2.06 22.54
N SER E 79 29.55 1.64 23.39
CA SER E 79 30.38 0.50 23.05
C SER E 79 29.66 -0.82 23.31
N TRP E 80 30.23 -1.89 22.77
CA TRP E 80 29.67 -3.23 22.93
C TRP E 80 29.90 -3.69 24.36
N LYS E 81 28.82 -3.91 25.11
CA LYS E 81 28.96 -4.10 26.54
C LYS E 81 28.74 -5.52 27.03
N LEU E 82 28.43 -6.48 26.15
CA LEU E 82 28.29 -7.86 26.59
C LEU E 82 29.63 -8.55 26.39
N ASP E 83 30.19 -9.06 27.49
CA ASP E 83 31.56 -9.55 27.52
C ASP E 83 31.63 -11.06 27.63
N GLY E 84 30.48 -11.74 27.74
CA GLY E 84 30.48 -13.18 27.93
C GLY E 84 31.11 -13.89 26.74
N ARG E 85 31.77 -15.00 27.05
CA ARG E 85 32.42 -15.81 26.02
C ARG E 85 32.12 -17.26 26.31
N TRP E 86 31.88 -18.02 25.24
CA TRP E 86 31.56 -19.43 25.38
C TRP E 86 32.83 -20.19 25.73
N ASP E 87 32.75 -21.06 26.75
CA ASP E 87 33.93 -21.79 27.19
C ASP E 87 34.24 -23.00 26.31
N GLY E 88 33.25 -23.60 25.67
CA GLY E 88 33.46 -24.82 24.90
C GLY E 88 32.76 -26.03 25.46
N GLU E 89 32.20 -25.94 26.66
CA GLU E 89 31.49 -27.06 27.27
C GLU E 89 30.18 -26.65 27.91
N GLU E 90 29.84 -25.37 27.87
CA GLU E 90 28.58 -24.91 28.44
C GLU E 90 27.41 -25.42 27.60
N GLU E 91 26.38 -25.91 28.28
CA GLU E 91 25.08 -25.97 27.66
C GLU E 91 24.51 -24.56 27.70
N VAL E 92 23.91 -24.13 26.59
CA VAL E 92 23.48 -22.74 26.44
C VAL E 92 21.97 -22.73 26.26
N GLN E 93 21.40 -21.53 26.38
CA GLN E 93 19.95 -21.34 26.22
C GLN E 93 19.70 -20.22 25.22
N LEU E 94 18.60 -20.36 24.50
CA LEU E 94 18.19 -19.37 23.51
C LEU E 94 16.85 -18.86 24.00
N ILE E 95 16.74 -17.55 24.08
CA ILE E 95 15.46 -16.92 24.47
C ILE E 95 14.80 -16.62 23.14
N ALA E 96 13.69 -17.29 22.85
CA ALA E 96 13.16 -17.13 21.49
C ALA E 96 12.10 -16.05 21.43
N ALA E 97 12.43 -14.91 20.88
CA ALA E 97 11.41 -13.85 20.75
C ALA E 97 10.70 -14.07 19.43
N ALA E 98 9.96 -15.16 19.30
CA ALA E 98 9.29 -15.38 18.03
C ALA E 98 8.24 -14.30 17.79
N PRO E 99 8.05 -13.88 16.54
CA PRO E 99 7.05 -12.83 16.26
C PRO E 99 5.66 -13.34 16.60
N GLY E 100 4.96 -12.59 17.45
CA GLY E 100 3.63 -12.96 17.87
C GLY E 100 3.55 -14.12 18.82
N LYS E 101 4.69 -14.61 19.32
CA LYS E 101 4.72 -15.75 20.22
C LYS E 101 5.44 -15.39 21.51
N ASN E 102 5.11 -16.12 22.56
CA ASN E 102 5.73 -15.85 23.86
C ASN E 102 7.21 -16.18 23.83
N VAL E 103 8.00 -15.35 24.50
CA VAL E 103 9.46 -15.58 24.56
C VAL E 103 9.64 -16.83 25.40
N VAL E 104 10.41 -17.81 24.90
CA VAL E 104 10.59 -19.07 25.65
C VAL E 104 12.06 -19.41 25.63
N ASN E 105 12.53 -20.03 26.71
CA ASN E 105 13.97 -20.36 26.80
C ASN E 105 14.13 -21.84 26.45
N VAL E 106 15.06 -22.14 25.57
CA VAL E 106 15.22 -23.55 25.15
C VAL E 106 16.69 -23.90 25.27
N GLN E 107 16.99 -25.07 25.85
CA GLN E 107 18.37 -25.54 26.16
C GLN E 107 18.87 -26.51 25.10
N THR E 108 20.19 -26.65 25.01
CA THR E 108 20.70 -27.54 23.96
C THR E 108 22.22 -27.68 24.04
N LYS E 109 22.73 -28.83 23.65
CA LYS E 109 24.21 -29.02 23.62
C LYS E 109 24.63 -28.28 22.36
N PRO E 110 25.59 -27.36 22.41
CA PRO E 110 25.91 -26.54 21.22
C PRO E 110 26.58 -27.33 20.10
N SER E 111 26.64 -26.69 18.96
CA SER E 111 27.29 -27.30 17.78
C SER E 111 28.55 -26.49 17.44
N LEU E 112 29.23 -26.73 16.32
CA LEU E 112 30.42 -25.90 16.09
C LEU E 112 30.59 -25.70 14.59
N PHE E 113 31.07 -24.54 14.18
CA PHE E 113 31.32 -24.24 12.76
C PHE E 113 32.82 -24.13 12.51
N LYS E 114 33.44 -25.15 11.94
CA LYS E 114 34.88 -24.98 11.63
C LYS E 114 34.92 -24.04 10.45
N VAL E 115 35.55 -22.90 10.59
CA VAL E 115 35.64 -21.95 9.49
C VAL E 115 36.90 -22.26 8.70
N LYS E 116 36.74 -22.51 7.41
CA LYS E 116 37.90 -22.66 6.54
C LYS E 116 38.66 -21.33 6.57
N ASN E 117 39.99 -21.38 6.68
CA ASN E 117 40.92 -20.24 6.72
C ASN E 117 40.85 -19.46 8.03
N GLY E 118 40.32 -20.09 9.09
CA GLY E 118 40.23 -19.41 10.38
C GLY E 118 40.23 -20.38 11.54
N GLY E 119 39.36 -20.17 12.54
CA GLY E 119 39.29 -20.98 13.71
C GLY E 119 37.90 -21.53 13.97
N GLU E 120 37.75 -22.15 15.14
CA GLU E 120 36.47 -22.72 15.53
C GLU E 120 35.61 -21.69 16.28
N ILE E 121 34.31 -21.73 15.98
CA ILE E 121 33.28 -20.87 16.57
C ILE E 121 32.01 -21.68 16.84
N GLY E 122 31.38 -21.38 17.98
CA GLY E 122 30.22 -22.14 18.40
C GLY E 122 28.96 -21.79 17.64
N ALA E 123 28.05 -22.76 17.59
CA ALA E 123 26.82 -22.62 16.84
C ALA E 123 25.71 -23.31 17.60
N VAL E 124 24.48 -22.89 17.33
CA VAL E 124 23.29 -23.39 18.01
C VAL E 124 22.28 -23.82 16.94
N ALA E 125 21.85 -25.08 17.01
CA ALA E 125 21.03 -25.69 15.96
C ALA E 125 19.53 -25.71 16.29
N LEU E 126 18.92 -24.53 16.21
CA LEU E 126 17.45 -24.37 16.42
C LEU E 126 16.81 -23.54 15.30
N ASP E 127 15.73 -24.06 14.70
CA ASP E 127 15.08 -23.46 13.54
C ASP E 127 14.01 -22.48 14.02
N TYR E 128 14.26 -21.19 13.87
CA TYR E 128 13.33 -20.16 14.26
C TYR E 128 13.16 -19.14 13.14
N PRO E 129 12.02 -18.44 13.11
CA PRO E 129 11.74 -17.51 12.00
C PRO E 129 12.81 -16.43 11.89
N SER E 130 12.76 -15.69 10.78
CA SER E 130 13.69 -14.58 10.61
C SER E 130 13.48 -13.51 11.66
N GLY E 131 12.27 -13.41 12.23
CA GLY E 131 11.95 -12.31 13.11
C GLY E 131 12.54 -12.44 14.50
N THR E 132 12.98 -13.64 14.88
CA THR E 132 13.74 -13.87 16.10
C THR E 132 15.24 -13.63 15.94
N SER E 133 15.72 -13.26 14.76
CA SER E 133 17.14 -12.98 14.61
C SER E 133 17.52 -11.80 15.50
N GLY E 134 18.63 -11.93 16.21
CA GLY E 134 19.01 -10.99 17.23
C GLY E 134 18.64 -11.39 18.64
N SER E 135 18.03 -12.56 18.80
CA SER E 135 17.65 -12.99 20.15
C SER E 135 18.92 -13.40 20.88
N PRO E 136 18.98 -13.32 22.22
CA PRO E 136 20.18 -13.67 22.92
C PRO E 136 20.27 -15.14 23.37
N ILE E 137 21.50 -15.62 23.41
CA ILE E 137 21.84 -16.96 23.88
C ILE E 137 22.60 -16.78 25.19
N VAL E 138 22.19 -17.50 26.23
CA VAL E 138 22.69 -17.23 27.56
C VAL E 138 23.18 -18.51 28.22
N ASN E 139 24.14 -18.36 29.13
CA ASN E 139 24.69 -19.49 29.88
C ASN E 139 24.03 -19.51 31.25
N ARG E 140 24.46 -20.45 32.10
CA ARG E 140 23.80 -20.66 33.38
C ARG E 140 23.90 -19.43 34.29
N ASN E 141 24.92 -18.58 34.10
CA ASN E 141 25.04 -17.39 34.92
C ASN E 141 24.03 -16.31 34.57
N GLY E 142 23.32 -16.44 33.46
CA GLY E 142 22.44 -15.41 32.99
C GLY E 142 23.12 -14.38 32.12
N GLU E 143 24.41 -14.55 31.88
CA GLU E 143 25.13 -13.74 30.89
C GLU E 143 24.86 -14.29 29.50
N VAL E 144 24.86 -13.40 28.52
CA VAL E 144 24.55 -13.76 27.13
C VAL E 144 25.87 -13.97 26.38
N ILE E 145 26.00 -15.11 25.72
CA ILE E 145 27.25 -15.41 25.02
C ILE E 145 27.26 -14.81 23.63
N GLY E 146 26.09 -14.61 23.05
CA GLY E 146 26.02 -14.10 21.70
C GLY E 146 24.59 -13.99 21.26
N LEU E 147 24.42 -13.48 20.05
CA LEU E 147 23.10 -13.31 19.47
C LEU E 147 22.85 -14.39 18.43
N TYR E 148 21.57 -14.58 18.12
CA TYR E 148 21.11 -15.63 17.22
C TYR E 148 20.65 -15.01 15.91
N GLY E 149 20.89 -15.71 14.80
CA GLY E 149 20.34 -15.27 13.54
C GLY E 149 21.25 -15.32 12.32
N ASN E 150 22.55 -15.57 12.50
CA ASN E 150 23.47 -15.70 11.38
C ASN E 150 24.05 -17.11 11.41
N GLY E 151 23.81 -17.86 10.35
CA GLY E 151 24.26 -19.24 10.26
C GLY E 151 24.11 -19.81 8.87
N ILE E 152 23.95 -21.13 8.79
CA ILE E 152 23.91 -21.86 7.53
C ILE E 152 22.63 -22.69 7.48
N LEU E 153 22.32 -23.16 6.29
CA LEU E 153 21.24 -24.12 6.09
C LEU E 153 21.87 -25.51 5.99
N VAL E 154 21.24 -26.45 6.65
CA VAL E 154 21.78 -27.82 6.76
C VAL E 154 21.30 -28.68 5.57
N GLY E 155 21.49 -29.99 5.65
CA GLY E 155 21.10 -30.85 4.54
C GLY E 155 19.60 -31.00 4.41
N ASP E 156 18.91 -31.16 5.54
CA ASP E 156 17.46 -31.34 5.59
C ASP E 156 16.69 -30.02 5.52
N ASN E 157 17.36 -28.91 5.19
CA ASN E 157 16.83 -27.56 5.03
C ASN E 157 16.57 -26.88 6.38
N SER E 158 16.94 -27.51 7.49
CA SER E 158 16.84 -26.83 8.78
C SER E 158 17.92 -25.75 8.91
N PHE E 159 17.65 -24.77 9.77
CA PHE E 159 18.59 -23.69 10.06
C PHE E 159 19.34 -23.98 11.35
N VAL E 160 20.64 -23.72 11.34
CA VAL E 160 21.46 -23.73 12.55
C VAL E 160 22.27 -22.43 12.55
N SER E 161 22.19 -21.67 13.64
CA SER E 161 22.80 -20.35 13.74
C SER E 161 24.12 -20.41 14.51
N ALA E 162 24.98 -19.43 14.27
CA ALA E 162 26.23 -19.32 15.00
C ALA E 162 26.06 -18.37 16.18
N ILE E 163 26.80 -18.66 17.26
CA ILE E 163 26.79 -17.84 18.46
C ILE E 163 27.72 -16.64 18.26
N SER E 164 27.17 -15.57 17.69
CA SER E 164 27.95 -14.40 17.26
C SER E 164 28.32 -13.53 18.46
N GLN E 165 29.63 -13.39 18.71
CA GLN E 165 30.11 -12.53 19.79
C GLN E 165 31.40 -11.83 19.35
N THR E 166 31.68 -10.69 19.94
CA THR E 166 32.95 -10.00 19.71
C THR E 166 34.00 -10.47 20.71
N MET F 1 9.38 -1.14 -4.68
CA MET F 1 8.99 -1.12 -3.28
C MET F 1 7.51 -0.81 -3.14
N ASP F 2 6.94 -0.20 -4.18
CA ASP F 2 5.57 0.25 -4.14
C ASP F 2 4.56 -0.88 -4.13
N GLY F 3 4.95 -2.07 -4.58
CA GLY F 3 4.03 -3.18 -4.58
C GLY F 3 4.70 -4.46 -4.13
N LEU F 4 3.99 -5.58 -4.23
CA LEU F 4 4.53 -6.86 -3.83
C LEU F 4 4.84 -7.67 -5.06
N GLU F 5 5.90 -8.47 -4.99
CA GLU F 5 6.43 -9.18 -6.14
C GLU F 5 6.12 -10.66 -6.01
N LEU F 6 5.84 -11.31 -7.13
CA LEU F 6 5.49 -12.71 -7.13
C LEU F 6 6.64 -13.53 -7.70
N ARG F 7 6.92 -14.67 -7.07
CA ARG F 7 7.97 -15.57 -7.48
C ARG F 7 7.44 -16.99 -7.35
N LYS F 8 7.74 -17.83 -8.34
CA LYS F 8 7.24 -19.19 -8.33
C LYS F 8 8.12 -20.03 -7.43
N LEU F 9 7.47 -20.81 -6.55
CA LEU F 9 8.18 -21.68 -5.63
C LEU F 9 7.84 -23.15 -5.77
N GLY F 10 6.75 -23.48 -6.45
CA GLY F 10 6.39 -24.87 -6.63
C GLY F 10 5.03 -24.99 -7.27
N GLU F 11 4.53 -26.21 -7.29
CA GLU F 11 3.25 -26.54 -7.90
C GLU F 11 2.41 -27.32 -6.90
N VAL F 12 1.10 -27.10 -6.94
CA VAL F 12 0.22 -27.74 -5.97
C VAL F 12 0.05 -29.20 -6.36
N SER F 13 0.32 -30.09 -5.41
CA SER F 13 0.27 -31.52 -5.66
C SER F 13 0.15 -32.23 -4.33
N TRP F 14 -0.22 -33.49 -4.39
CA TRP F 14 -0.20 -34.35 -3.22
C TRP F 14 0.99 -35.28 -3.36
N GLU F 15 1.97 -35.11 -2.47
CA GLU F 15 3.15 -35.97 -2.46
C GLU F 15 2.88 -37.12 -1.50
N GLU F 16 3.04 -38.35 -2.00
CA GLU F 16 2.67 -39.53 -1.23
C GLU F 16 3.67 -39.83 -0.13
N GLU F 17 4.94 -39.45 -0.31
CA GLU F 17 5.98 -39.74 0.66
C GLU F 17 6.09 -38.69 1.76
N ALA F 18 5.16 -37.74 1.80
CA ALA F 18 5.21 -36.68 2.81
C ALA F 18 5.04 -37.25 4.21
N GLU F 19 5.76 -36.66 5.17
CA GLU F 19 5.68 -37.13 6.55
C GLU F 19 4.37 -36.68 7.18
N ILE F 20 3.75 -37.58 7.92
CA ILE F 20 2.47 -37.29 8.59
C ILE F 20 2.77 -36.74 9.97
N SER F 21 2.09 -35.66 10.34
CA SER F 21 2.35 -34.99 11.61
C SER F 21 1.06 -34.33 12.10
N GLY F 22 1.21 -33.47 13.11
CA GLY F 22 0.10 -32.80 13.76
C GLY F 22 -0.85 -33.76 14.47
N SER F 23 -1.81 -33.22 15.20
CA SER F 23 -2.78 -34.03 15.91
C SER F 23 -4.13 -33.35 15.89
N SER F 24 -5.17 -34.15 15.71
CA SER F 24 -6.54 -33.65 15.68
C SER F 24 -7.02 -33.28 17.08
N ALA F 25 -7.60 -32.09 17.20
CA ALA F 25 -8.18 -31.62 18.45
C ALA F 25 -9.34 -30.71 18.11
N ARG F 26 -10.26 -30.55 19.06
CA ARG F 26 -11.44 -29.72 18.84
C ARG F 26 -11.38 -28.49 19.74
N TYR F 27 -11.57 -27.32 19.13
CA TYR F 27 -11.51 -26.04 19.83
C TYR F 27 -12.79 -25.28 19.56
N ASP F 28 -13.32 -24.64 20.60
CA ASP F 28 -14.50 -23.80 20.47
C ASP F 28 -14.05 -22.34 20.40
N VAL F 29 -14.39 -21.68 19.29
CA VAL F 29 -13.88 -20.36 18.97
C VAL F 29 -15.04 -19.48 18.53
N THR F 30 -14.82 -18.17 18.61
CA THR F 30 -15.72 -17.18 18.06
C THR F 30 -15.08 -16.55 16.83
N LEU F 31 -15.91 -16.12 15.88
CA LEU F 31 -15.43 -15.44 14.69
C LEU F 31 -16.05 -14.05 14.63
N SER F 32 -15.20 -13.03 14.64
CA SER F 32 -15.66 -11.65 14.54
C SER F 32 -15.97 -11.30 13.09
N GLU F 33 -16.65 -10.16 12.91
CA GLU F 33 -16.93 -9.69 11.56
C GLU F 33 -15.68 -9.28 10.81
N GLN F 34 -14.57 -9.04 11.51
CA GLN F 34 -13.31 -8.75 10.87
C GLN F 34 -12.41 -9.99 10.71
N GLY F 35 -12.99 -11.18 10.85
CA GLY F 35 -12.25 -12.40 10.58
C GLY F 35 -11.28 -12.84 11.66
N GLU F 36 -11.39 -12.31 12.87
CA GLU F 36 -10.52 -12.69 13.97
C GLU F 36 -11.12 -13.89 14.70
N PHE F 37 -10.25 -14.80 15.14
CA PHE F 37 -10.67 -15.98 15.88
C PHE F 37 -10.17 -15.89 17.31
N LYS F 38 -11.06 -16.19 18.26
CA LYS F 38 -10.73 -16.18 19.68
C LYS F 38 -11.53 -17.28 20.35
N LEU F 39 -11.04 -17.75 21.49
CA LEU F 39 -11.69 -18.86 22.19
C LEU F 39 -12.55 -18.39 23.36
N TYR G 14 0.35 -13.06 -18.40
CA TYR G 14 -0.56 -14.02 -17.79
C TYR G 14 0.20 -14.90 -16.79
N LEU G 15 -0.46 -15.31 -15.71
CA LEU G 15 0.20 -15.97 -14.60
C LEU G 15 -0.01 -17.48 -14.63
N GLU G 16 1.10 -18.21 -14.78
CA GLU G 16 1.09 -19.67 -14.78
C GLU G 16 0.62 -20.21 -13.44
N ASP G 17 -0.23 -21.24 -13.48
CA ASP G 17 -0.74 -21.85 -12.26
C ASP G 17 0.38 -22.49 -11.46
N GLY G 18 0.28 -22.39 -10.14
CA GLY G 18 1.31 -22.89 -9.25
C GLY G 18 1.31 -22.08 -7.96
N ILE G 19 2.26 -22.42 -7.09
CA ILE G 19 2.37 -21.78 -5.78
C ILE G 19 3.39 -20.66 -5.88
N TYR G 20 2.97 -19.45 -5.51
CA TYR G 20 3.80 -18.27 -5.58
C TYR G 20 4.05 -17.72 -4.19
N GLY G 21 5.21 -17.10 -4.00
CA GLY G 21 5.53 -16.37 -2.79
C GLY G 21 5.38 -14.88 -3.01
N ILE G 22 4.80 -14.20 -2.04
CA ILE G 22 4.59 -12.75 -2.09
C ILE G 22 5.76 -12.08 -1.39
N PHE G 23 6.45 -11.19 -2.12
CA PHE G 23 7.69 -10.57 -1.67
C PHE G 23 7.51 -9.06 -1.60
N GLN G 24 7.98 -8.45 -0.52
CA GLN G 24 7.93 -7.00 -0.36
C GLN G 24 9.34 -6.42 -0.35
N SER G 25 9.50 -5.25 -0.97
CA SER G 25 10.78 -4.58 -1.08
C SER G 25 10.79 -3.36 -0.17
N THR G 26 11.71 -3.37 0.79
CA THR G 26 11.95 -2.21 1.68
C THR G 26 13.42 -1.82 1.60
N PHE G 27 13.89 -0.97 2.52
CA PHE G 27 15.30 -0.52 2.53
C PHE G 27 16.20 -1.60 3.15
N LEU G 28 15.58 -2.55 3.85
CA LEU G 28 16.31 -3.64 4.50
C LEU G 28 16.44 -4.79 3.50
N GLY G 29 15.52 -4.87 2.55
CA GLY G 29 15.61 -5.94 1.55
C GLY G 29 14.27 -6.52 1.19
N ALA G 30 14.31 -7.70 0.59
CA ALA G 30 13.10 -8.43 0.19
C ALA G 30 12.84 -9.60 1.14
N SER G 31 11.59 -9.69 1.62
CA SER G 31 11.15 -10.75 2.50
C SER G 31 9.78 -11.23 2.03
N GLN G 32 9.58 -12.51 2.16
CA GLN G 32 8.33 -13.12 1.70
C GLN G 32 7.29 -12.90 2.78
N ARG G 33 6.33 -12.03 2.53
CA ARG G 33 5.29 -11.70 3.52
C ARG G 33 4.23 -12.80 3.49
N GLY G 34 4.15 -13.55 2.40
CA GLY G 34 3.15 -14.62 2.35
C GLY G 34 3.20 -15.39 1.05
N VAL G 35 2.25 -16.28 0.85
CA VAL G 35 2.18 -17.10 -0.35
C VAL G 35 0.74 -17.16 -0.84
N GLY G 36 0.60 -17.46 -2.13
CA GLY G 36 -0.70 -17.75 -2.71
C GLY G 36 -0.60 -18.84 -3.76
N VAL G 37 -1.76 -19.19 -4.31
CA VAL G 37 -1.88 -20.21 -5.35
C VAL G 37 -2.51 -19.60 -6.58
N ALA G 38 -1.97 -19.95 -7.75
CA ALA G 38 -2.52 -19.53 -9.02
C ALA G 38 -3.25 -20.71 -9.66
N GLN G 39 -4.49 -20.47 -10.08
CA GLN G 39 -5.31 -21.50 -10.71
C GLN G 39 -6.36 -20.80 -11.58
N GLY G 40 -6.50 -21.27 -12.82
CA GLY G 40 -7.45 -20.64 -13.71
C GLY G 40 -7.09 -19.23 -14.11
N GLY G 41 -5.83 -18.85 -13.94
CA GLY G 41 -5.36 -17.52 -14.26
C GLY G 41 -5.64 -16.47 -13.21
N VAL G 42 -6.14 -16.86 -12.04
CA VAL G 42 -6.38 -15.94 -10.94
C VAL G 42 -5.58 -16.39 -9.72
N PHE G 43 -5.08 -15.43 -8.96
CA PHE G 43 -4.21 -15.66 -7.81
C PHE G 43 -5.00 -15.52 -6.52
N HIS G 44 -4.85 -16.49 -5.61
CA HIS G 44 -5.60 -16.50 -4.36
C HIS G 44 -4.64 -16.51 -3.18
N THR G 45 -4.94 -15.67 -2.18
CA THR G 45 -4.12 -15.57 -0.99
C THR G 45 -4.98 -15.01 0.13
N MET G 46 -4.42 -15.01 1.33
CA MET G 46 -5.14 -14.51 2.50
C MET G 46 -5.17 -12.99 2.49
N TRP G 47 -6.34 -12.44 2.85
CA TRP G 47 -6.52 -11.00 2.78
C TRP G 47 -5.52 -10.26 3.67
N HIS G 48 -5.23 -10.81 4.85
CA HIS G 48 -4.32 -10.12 5.76
C HIS G 48 -2.89 -10.09 5.23
N VAL G 49 -2.56 -10.96 4.27
CA VAL G 49 -1.22 -10.95 3.69
C VAL G 49 -1.02 -9.74 2.80
N THR G 50 -2.04 -9.38 2.01
CA THR G 50 -1.94 -8.31 1.04
C THR G 50 -2.69 -7.05 1.44
N ARG G 51 -3.84 -7.20 2.11
CA ARG G 51 -4.74 -6.10 2.39
C ARG G 51 -5.04 -5.27 1.14
N GLY G 52 -5.19 -5.97 0.01
CA GLY G 52 -5.56 -5.35 -1.23
C GLY G 52 -4.47 -4.64 -1.99
N ALA G 53 -3.21 -4.75 -1.55
CA ALA G 53 -2.12 -4.15 -2.29
C ALA G 53 -1.91 -4.88 -3.61
N PHE G 54 -1.43 -4.14 -4.62
CA PHE G 54 -1.25 -4.77 -5.92
C PHE G 54 0.02 -5.61 -5.96
N LEU G 55 -0.02 -6.65 -6.77
CA LEU G 55 1.09 -7.57 -6.97
C LEU G 55 1.80 -7.26 -8.28
N VAL G 56 3.02 -7.79 -8.43
CA VAL G 56 3.78 -7.65 -9.66
C VAL G 56 4.56 -8.93 -9.93
N ARG G 57 4.45 -9.44 -11.16
CA ARG G 57 5.29 -10.54 -11.64
C ARG G 57 5.78 -10.19 -13.03
N ASN G 58 7.10 -10.07 -13.20
CA ASN G 58 7.72 -9.75 -14.48
C ASN G 58 7.02 -8.59 -15.18
N GLY G 59 6.79 -7.52 -14.40
CA GLY G 59 6.22 -6.30 -14.92
C GLY G 59 4.72 -6.29 -15.10
N LYS G 60 4.02 -7.36 -14.74
CA LYS G 60 2.56 -7.41 -14.84
C LYS G 60 1.96 -7.07 -13.48
N LYS G 61 1.18 -5.98 -13.43
CA LYS G 61 0.55 -5.50 -12.21
C LYS G 61 -0.91 -5.91 -12.18
N LEU G 62 -1.28 -6.66 -11.15
CA LEU G 62 -2.64 -7.12 -10.93
C LEU G 62 -3.21 -6.50 -9.66
N VAL G 63 -4.47 -6.07 -9.73
CA VAL G 63 -5.12 -5.47 -8.58
C VAL G 63 -6.22 -6.43 -8.12
N PRO G 64 -6.62 -6.40 -6.85
CA PRO G 64 -7.57 -7.41 -6.37
C PRO G 64 -8.91 -7.30 -7.08
N SER G 65 -9.44 -8.45 -7.49
CA SER G 65 -10.71 -8.52 -8.19
C SER G 65 -11.87 -8.91 -7.28
N TRP G 66 -11.60 -9.60 -6.16
CA TRP G 66 -12.62 -9.93 -5.17
C TRP G 66 -11.95 -10.10 -3.82
N ALA G 67 -12.63 -9.67 -2.76
CA ALA G 67 -12.10 -9.81 -1.41
C ALA G 67 -13.24 -9.95 -0.42
N SER G 68 -13.01 -10.71 0.64
CA SER G 68 -13.95 -10.86 1.74
C SER G 68 -13.18 -10.76 3.05
N VAL G 69 -13.41 -9.67 3.79
CA VAL G 69 -12.65 -9.44 5.01
C VAL G 69 -13.02 -10.46 6.08
N LYS G 70 -14.27 -10.93 6.10
CA LYS G 70 -14.69 -11.81 7.18
C LYS G 70 -14.18 -13.23 7.00
N GLU G 71 -14.06 -13.71 5.77
CA GLU G 71 -13.40 -14.98 5.46
C GLU G 71 -11.89 -14.82 5.32
N ASP G 72 -11.39 -13.58 5.23
CA ASP G 72 -9.96 -13.28 5.11
C ASP G 72 -9.35 -13.83 3.82
N LEU G 73 -10.07 -13.73 2.73
CA LEU G 73 -9.57 -14.17 1.43
C LEU G 73 -9.71 -13.07 0.39
N VAL G 74 -8.76 -13.01 -0.52
CA VAL G 74 -8.72 -12.02 -1.59
C VAL G 74 -8.26 -12.72 -2.86
N ALA G 75 -8.84 -12.32 -3.98
CA ALA G 75 -8.49 -12.89 -5.28
C ALA G 75 -8.11 -11.79 -6.24
N TYR G 76 -7.16 -12.10 -7.13
CA TYR G 76 -6.61 -11.14 -8.07
C TYR G 76 -6.83 -11.65 -9.50
N GLY G 77 -7.39 -10.79 -10.35
CA GLY G 77 -7.52 -11.08 -11.75
C GLY G 77 -8.71 -11.92 -12.16
N GLY G 78 -9.73 -12.02 -11.31
CA GLY G 78 -10.93 -12.74 -11.67
C GLY G 78 -11.63 -13.24 -10.43
N SER G 79 -12.60 -14.12 -10.65
CA SER G 79 -13.43 -14.64 -9.57
C SER G 79 -12.73 -15.78 -8.83
N TRP G 80 -13.30 -16.15 -7.69
CA TRP G 80 -12.73 -17.21 -6.87
C TRP G 80 -12.97 -18.56 -7.52
N LYS G 81 -11.90 -19.26 -7.90
CA LYS G 81 -12.02 -20.44 -8.73
C LYS G 81 -11.74 -21.77 -8.01
N LEU G 82 -11.39 -21.76 -6.74
CA LEU G 82 -11.14 -23.00 -6.00
C LEU G 82 -12.40 -23.39 -5.24
N ASP G 83 -12.89 -24.60 -5.52
CA ASP G 83 -14.18 -25.07 -5.07
C ASP G 83 -14.10 -26.17 -4.01
N GLY G 84 -12.90 -26.62 -3.66
CA GLY G 84 -12.80 -27.73 -2.74
C GLY G 84 -13.41 -27.41 -1.39
N ARG G 85 -14.05 -28.41 -0.81
CA ARG G 85 -14.70 -28.31 0.48
C ARG G 85 -14.40 -29.57 1.27
N TRP G 86 -14.20 -29.43 2.57
CA TRP G 86 -13.83 -30.58 3.39
C TRP G 86 -15.01 -31.51 3.59
N ASP G 87 -14.75 -32.81 3.45
CA ASP G 87 -15.79 -33.80 3.67
C ASP G 87 -16.06 -34.02 5.15
N GLY G 88 -15.03 -33.83 5.98
CA GLY G 88 -15.12 -34.07 7.40
C GLY G 88 -14.25 -35.20 7.92
N GLU G 89 -13.71 -36.04 7.03
CA GLU G 89 -12.89 -37.16 7.46
C GLU G 89 -11.66 -37.43 6.60
N GLU G 90 -11.42 -36.64 5.55
CA GLU G 90 -10.26 -36.88 4.70
C GLU G 90 -8.97 -36.57 5.44
N GLU G 91 -7.95 -37.40 5.22
CA GLU G 91 -6.60 -37.00 5.58
C GLU G 91 -6.17 -35.88 4.65
N VAL G 92 -5.61 -34.83 5.23
CA VAL G 92 -5.43 -33.58 4.51
C VAL G 92 -3.92 -33.30 4.45
N GLN G 93 -3.53 -32.47 3.51
CA GLN G 93 -2.10 -32.19 3.45
C GLN G 93 -1.93 -30.69 3.23
N LEU G 94 -0.90 -30.12 3.85
CA LEU G 94 -0.60 -28.70 3.75
C LEU G 94 0.78 -28.50 3.11
N ILE G 95 0.81 -27.80 1.98
CA ILE G 95 2.05 -27.45 1.31
C ILE G 95 2.58 -26.16 1.93
N ALA G 96 3.66 -26.28 2.70
CA ALA G 96 4.17 -25.20 3.53
C ALA G 96 5.37 -24.57 2.84
N ALA G 97 5.18 -23.35 2.33
CA ALA G 97 6.26 -22.57 1.74
C ALA G 97 6.82 -21.59 2.77
N ALA G 98 7.56 -22.14 3.72
CA ALA G 98 8.21 -21.30 4.71
C ALA G 98 9.21 -20.38 4.03
N PRO G 99 9.38 -19.15 4.52
CA PRO G 99 10.28 -18.20 3.85
C PRO G 99 11.73 -18.66 3.90
N GLY G 100 12.37 -18.70 2.74
CA GLY G 100 13.75 -19.10 2.66
C GLY G 100 14.01 -20.57 2.83
N LYS G 101 12.95 -21.38 2.87
CA LYS G 101 13.05 -22.81 3.11
C LYS G 101 12.42 -23.55 1.94
N ASN G 102 12.86 -24.78 1.74
CA ASN G 102 12.34 -25.59 0.65
C ASN G 102 10.86 -25.87 0.87
N VAL G 103 10.10 -25.87 -0.22
CA VAL G 103 8.69 -26.22 -0.15
C VAL G 103 8.57 -27.68 0.26
N VAL G 104 7.85 -27.94 1.35
CA VAL G 104 7.68 -29.29 1.90
C VAL G 104 6.19 -29.56 2.06
N ASN G 105 5.78 -30.80 1.82
CA ASN G 105 4.41 -31.25 2.00
C ASN G 105 4.29 -31.98 3.33
N VAL G 106 3.23 -31.68 4.09
CA VAL G 106 2.96 -32.33 5.37
C VAL G 106 1.50 -32.77 5.45
N GLN G 107 1.27 -34.00 5.90
CA GLN G 107 -0.06 -34.58 6.00
C GLN G 107 -0.50 -34.62 7.46
N THR G 108 -1.79 -34.41 7.70
CA THR G 108 -2.33 -34.39 9.05
C THR G 108 -3.77 -34.86 9.03
N LYS G 109 -4.19 -35.52 10.13
CA LYS G 109 -5.61 -35.75 10.39
C LYS G 109 -6.21 -34.47 10.96
N PRO G 110 -7.17 -33.85 10.29
CA PRO G 110 -7.54 -32.47 10.63
C PRO G 110 -8.19 -32.33 12.01
N SER G 111 -8.10 -31.10 12.49
CA SER G 111 -8.76 -30.63 13.70
C SER G 111 -10.06 -29.92 13.31
N LEU G 112 -10.76 -29.34 14.29
CA LEU G 112 -12.01 -28.66 13.99
C LEU G 112 -12.19 -27.42 14.84
N PHE G 113 -12.76 -26.38 14.24
CA PHE G 113 -13.13 -25.13 14.90
C PHE G 113 -14.66 -25.07 14.91
N LYS G 114 -15.26 -25.12 16.10
CA LYS G 114 -16.70 -24.95 16.24
C LYS G 114 -16.99 -23.49 16.59
N VAL G 115 -17.46 -22.82 15.58
CA VAL G 115 -17.77 -21.44 15.60
C VAL G 115 -19.03 -21.22 16.33
N LYS G 116 -18.98 -20.27 17.23
CA LYS G 116 -20.11 -19.96 18.03
C LYS G 116 -21.17 -19.46 17.13
N ASN G 117 -22.36 -20.02 17.26
CA ASN G 117 -23.52 -19.64 16.47
C ASN G 117 -23.22 -19.57 15.01
N GLY G 118 -22.66 -20.64 14.49
CA GLY G 118 -22.31 -20.72 13.10
C GLY G 118 -22.23 -22.20 12.84
N GLY G 119 -21.21 -22.60 12.14
CA GLY G 119 -21.01 -23.99 11.78
C GLY G 119 -19.68 -24.56 12.27
N GLU G 120 -19.38 -25.80 11.88
CA GLU G 120 -18.09 -26.41 12.14
C GLU G 120 -17.19 -26.15 10.94
N ILE G 121 -15.90 -25.94 11.20
CA ILE G 121 -14.92 -25.74 10.13
C ILE G 121 -13.64 -26.45 10.52
N GLY G 122 -13.00 -27.06 9.52
CA GLY G 122 -11.80 -27.82 9.77
C GLY G 122 -10.60 -26.94 10.04
N ALA G 123 -9.63 -27.51 10.74
CA ALA G 123 -8.45 -26.77 11.15
C ALA G 123 -7.23 -27.66 11.05
N VAL G 124 -6.07 -27.03 10.88
CA VAL G 124 -4.81 -27.75 10.68
C VAL G 124 -3.83 -27.29 11.75
N ALA G 125 -3.26 -28.25 12.47
CA ALA G 125 -2.39 -27.99 13.61
C ALA G 125 -0.92 -28.11 13.23
N LEU G 126 -0.44 -27.13 12.46
CA LEU G 126 0.99 -27.07 12.18
C LEU G 126 1.46 -25.63 12.30
N ASP G 127 2.48 -25.42 13.14
CA ASP G 127 2.94 -24.10 13.51
C ASP G 127 4.07 -23.69 12.56
N TYR G 128 3.77 -22.75 11.68
CA TYR G 128 4.70 -22.20 10.72
C TYR G 128 4.63 -20.68 10.84
N PRO G 129 5.73 -19.99 10.56
CA PRO G 129 5.74 -18.54 10.75
C PRO G 129 4.75 -17.91 9.80
N SER G 130 4.32 -16.70 10.12
CA SER G 130 3.58 -16.00 9.09
C SER G 130 4.57 -15.53 8.02
N GLY G 131 4.06 -15.32 6.80
CA GLY G 131 4.86 -15.44 5.58
C GLY G 131 4.64 -16.79 4.90
N THR G 132 4.22 -17.80 5.67
CA THR G 132 3.61 -19.01 5.15
C THR G 132 2.10 -18.88 5.03
N SER G 133 1.53 -17.77 5.50
CA SER G 133 0.09 -17.56 5.41
C SER G 133 -0.33 -17.46 3.94
N GLY G 134 -1.43 -18.13 3.60
CA GLY G 134 -1.84 -18.28 2.22
C GLY G 134 -1.42 -19.58 1.59
N SER G 135 -0.81 -20.49 2.35
CA SER G 135 -0.38 -21.76 1.80
C SER G 135 -1.58 -22.67 1.52
N PRO G 136 -1.46 -23.55 0.52
CA PRO G 136 -2.61 -24.37 0.14
C PRO G 136 -2.77 -25.60 1.01
N ILE G 137 -4.03 -25.99 1.19
CA ILE G 137 -4.42 -27.23 1.83
C ILE G 137 -5.16 -28.07 0.78
N VAL G 138 -4.70 -29.31 0.55
CA VAL G 138 -5.19 -30.09 -0.59
C VAL G 138 -5.56 -31.50 -0.18
N ASN G 139 -6.45 -32.12 -0.97
CA ASN G 139 -6.94 -33.48 -0.76
C ASN G 139 -6.23 -34.45 -1.69
N ARG G 140 -6.68 -35.71 -1.65
CA ARG G 140 -6.01 -36.77 -2.40
C ARG G 140 -6.07 -36.54 -3.91
N ASN G 141 -7.09 -35.83 -4.39
CA ASN G 141 -7.17 -35.55 -5.82
C ASN G 141 -6.21 -34.46 -6.28
N GLY G 142 -5.61 -33.72 -5.35
CA GLY G 142 -4.77 -32.59 -5.69
C GLY G 142 -5.51 -31.29 -5.82
N GLU G 143 -6.82 -31.27 -5.59
CA GLU G 143 -7.54 -30.02 -5.48
C GLU G 143 -7.32 -29.43 -4.09
N VAL G 144 -7.20 -28.10 -4.04
CA VAL G 144 -6.99 -27.37 -2.76
C VAL G 144 -8.36 -27.12 -2.19
N ILE G 145 -8.54 -27.30 -0.90
CA ILE G 145 -9.88 -27.16 -0.28
C ILE G 145 -9.87 -26.04 0.73
N GLY G 146 -8.83 -25.24 0.71
CA GLY G 146 -8.78 -24.12 1.67
C GLY G 146 -7.39 -23.54 1.79
N LEU G 147 -7.34 -22.33 2.32
CA LEU G 147 -6.07 -21.66 2.53
C LEU G 147 -5.67 -21.64 4.01
N TYR G 148 -4.38 -21.45 4.24
CA TYR G 148 -3.76 -21.51 5.55
C TYR G 148 -3.33 -20.12 6.00
N GLY G 149 -3.45 -19.84 7.29
CA GLY G 149 -2.91 -18.61 7.83
C GLY G 149 -3.75 -17.85 8.82
N ASN G 150 -5.02 -18.23 8.97
CA ASN G 150 -5.92 -17.58 9.91
C ASN G 150 -6.34 -18.60 10.95
N GLY G 151 -6.00 -18.32 12.21
CA GLY G 151 -6.32 -19.25 13.27
C GLY G 151 -6.06 -18.69 14.65
N ILE G 152 -5.82 -19.59 15.60
CA ILE G 152 -5.68 -19.24 17.01
C ILE G 152 -4.37 -19.82 17.54
N LEU G 153 -3.96 -19.29 18.69
CA LEU G 153 -2.87 -19.86 19.46
C LEU G 153 -3.47 -20.66 20.61
N VAL G 154 -2.89 -21.83 20.88
CA VAL G 154 -3.47 -22.75 21.86
C VAL G 154 -2.76 -22.58 23.20
N GLY G 155 -3.05 -23.48 24.14
CA GLY G 155 -2.54 -23.30 25.49
C GLY G 155 -1.02 -23.40 25.57
N ASP G 156 -0.45 -24.36 24.85
CA ASP G 156 1.01 -24.53 24.84
C ASP G 156 1.70 -23.58 23.87
N ASN G 157 0.99 -22.57 23.37
CA ASN G 157 1.46 -21.50 22.48
C ASN G 157 1.60 -21.96 21.03
N SER G 158 1.22 -23.19 20.68
CA SER G 158 1.27 -23.60 19.29
C SER G 158 0.14 -22.94 18.48
N PHE G 159 0.36 -22.86 17.16
CA PHE G 159 -0.60 -22.27 16.24
C PHE G 159 -1.44 -23.37 15.58
N VAL G 160 -2.74 -23.11 15.45
CA VAL G 160 -3.62 -23.97 14.68
C VAL G 160 -4.41 -23.10 13.71
N SER G 161 -4.35 -23.43 12.43
CA SER G 161 -4.95 -22.61 11.39
C SER G 161 -6.27 -23.18 10.95
N ALA G 162 -7.12 -22.30 10.42
CA ALA G 162 -8.39 -22.70 9.85
C ALA G 162 -8.25 -22.88 8.34
N ILE G 163 -9.01 -23.84 7.81
CA ILE G 163 -9.03 -24.10 6.38
C ILE G 163 -9.95 -23.07 5.72
N SER G 164 -9.38 -21.92 5.38
CA SER G 164 -10.16 -20.77 4.92
C SER G 164 -10.64 -21.02 3.50
N GLN G 165 -11.96 -21.12 3.34
CA GLN G 165 -12.59 -21.34 2.04
C GLN G 165 -13.90 -20.56 2.02
N THR G 166 -14.40 -20.29 0.82
CA THR G 166 -15.67 -19.61 0.65
C THR G 166 -16.84 -20.60 0.71
N GLU H 13 -11.63 9.32 19.39
CA GLU H 13 -11.56 7.84 19.28
C GLU H 13 -12.78 7.36 18.48
N TYR H 14 -13.88 8.09 18.57
CA TYR H 14 -15.01 7.82 17.66
C TYR H 14 -14.88 8.95 16.63
N LEU H 15 -14.89 8.62 15.34
CA LEU H 15 -14.71 9.66 14.31
C LEU H 15 -15.98 10.50 14.20
N GLU H 16 -15.84 11.80 14.43
CA GLU H 16 -17.00 12.72 14.41
C GLU H 16 -17.73 12.57 13.09
N ASP H 17 -19.05 12.40 13.15
CA ASP H 17 -19.85 12.21 11.93
C ASP H 17 -19.68 13.41 11.02
N GLY H 18 -19.59 13.16 9.72
CA GLY H 18 -19.35 14.22 8.75
C GLY H 18 -18.56 13.68 7.57
N ILE H 19 -18.24 14.60 6.66
CA ILE H 19 -17.51 14.28 5.43
C ILE H 19 -16.02 14.52 5.64
N TYR H 20 -15.20 13.50 5.37
CA TYR H 20 -13.76 13.58 5.55
C TYR H 20 -13.07 13.47 4.20
N GLY H 21 -11.91 14.10 4.11
CA GLY H 21 -11.06 13.99 2.93
C GLY H 21 -9.93 13.03 3.15
N ILE H 22 -9.64 12.22 2.14
CA ILE H 22 -8.53 11.28 2.15
C ILE H 22 -7.32 11.95 1.53
N PHE H 23 -6.23 12.01 2.29
CA PHE H 23 -5.02 12.69 1.85
C PHE H 23 -3.86 11.71 1.85
N GLN H 24 -3.10 11.71 0.75
CA GLN H 24 -1.93 10.86 0.61
C GLN H 24 -0.68 11.74 0.60
N SER H 25 0.37 11.30 1.28
CA SER H 25 1.58 12.09 1.45
C SER H 25 2.68 11.47 0.61
N THR H 26 3.22 12.26 -0.31
CA THR H 26 4.30 11.84 -1.20
C THR H 26 5.49 12.77 -1.00
N PHE H 27 6.60 12.46 -1.67
CA PHE H 27 7.72 13.38 -1.65
C PHE H 27 7.42 14.70 -2.35
N LEU H 28 6.32 14.78 -3.10
CA LEU H 28 5.87 16.03 -3.72
C LEU H 28 4.76 16.72 -2.95
N GLY H 29 4.29 16.14 -1.84
CA GLY H 29 3.41 16.87 -0.97
C GLY H 29 2.19 16.04 -0.61
N ALA H 30 1.15 16.73 -0.16
CA ALA H 30 -0.11 16.13 0.23
C ALA H 30 -1.17 16.40 -0.83
N SER H 31 -1.90 15.37 -1.21
CA SER H 31 -2.95 15.51 -2.21
C SER H 31 -4.20 14.79 -1.72
N GLN H 32 -5.37 15.39 -2.01
CA GLN H 32 -6.64 14.79 -1.63
C GLN H 32 -6.96 13.69 -2.64
N ARG H 33 -6.80 12.44 -2.23
CA ARG H 33 -7.06 11.32 -3.15
C ARG H 33 -8.54 10.95 -3.19
N GLY H 34 -9.31 11.35 -2.19
CA GLY H 34 -10.72 11.03 -2.17
C GLY H 34 -11.35 11.52 -0.89
N VAL H 35 -12.63 11.23 -0.75
CA VAL H 35 -13.42 11.64 0.40
C VAL H 35 -14.21 10.45 0.89
N GLY H 36 -14.60 10.50 2.16
CA GLY H 36 -15.51 9.53 2.72
C GLY H 36 -16.46 10.21 3.70
N VAL H 37 -17.40 9.42 4.22
CA VAL H 37 -18.40 9.90 5.17
C VAL H 37 -18.28 9.09 6.46
N ALA H 38 -18.34 9.78 7.59
CA ALA H 38 -18.35 9.13 8.89
C ALA H 38 -19.76 9.17 9.45
N GLN H 39 -20.24 8.02 9.89
CA GLN H 39 -21.57 7.93 10.47
C GLN H 39 -21.61 6.72 11.40
N GLY H 40 -22.07 6.92 12.63
CA GLY H 40 -22.24 5.81 13.56
C GLY H 40 -21.00 5.05 14.02
N GLY H 41 -19.82 5.66 13.97
CA GLY H 41 -18.51 5.12 14.28
C GLY H 41 -17.73 4.44 13.17
N VAL H 42 -18.25 4.39 11.96
CA VAL H 42 -17.56 3.76 10.87
C VAL H 42 -17.36 4.74 9.72
N PHE H 43 -16.25 4.55 9.02
CA PHE H 43 -15.88 5.39 7.89
C PHE H 43 -16.22 4.65 6.61
N HIS H 44 -16.92 5.31 5.71
CA HIS H 44 -17.37 4.69 4.46
C HIS H 44 -16.79 5.47 3.29
N THR H 45 -16.26 4.74 2.31
CA THR H 45 -15.69 5.36 1.13
C THR H 45 -15.69 4.34 0.01
N MET H 46 -15.35 4.80 -1.19
CA MET H 46 -15.31 3.94 -2.36
C MET H 46 -14.05 3.09 -2.34
N TRP H 47 -14.19 1.82 -2.72
CA TRP H 47 -13.07 0.89 -2.64
C TRP H 47 -11.90 1.35 -3.52
N HIS H 48 -12.19 1.93 -4.68
CA HIS H 48 -11.12 2.35 -5.57
C HIS H 48 -10.32 3.52 -5.01
N VAL H 49 -10.86 4.26 -4.03
CA VAL H 49 -10.12 5.37 -3.46
C VAL H 49 -8.97 4.88 -2.59
N THR H 50 -9.22 3.87 -1.77
CA THR H 50 -8.24 3.35 -0.81
C THR H 50 -7.68 1.98 -1.18
N ARG H 51 -8.49 1.13 -1.82
CA ARG H 51 -8.14 -0.27 -2.08
C ARG H 51 -7.64 -0.95 -0.80
N GLY H 52 -8.29 -0.65 0.32
CA GLY H 52 -8.01 -1.27 1.59
C GLY H 52 -6.83 -0.71 2.37
N ALA H 53 -6.24 0.39 1.94
CA ALA H 53 -5.14 1.01 2.70
C ALA H 53 -5.67 1.59 4.02
N PHE H 54 -4.83 1.59 5.04
CA PHE H 54 -5.26 2.07 6.34
C PHE H 54 -5.22 3.59 6.45
N LEU H 55 -6.11 4.12 7.29
CA LEU H 55 -6.22 5.55 7.58
C LEU H 55 -5.56 5.88 8.92
N VAL H 56 -5.40 7.17 9.17
CA VAL H 56 -4.94 7.65 10.46
C VAL H 56 -5.76 8.86 10.86
N ARG H 57 -6.19 8.87 12.11
CA ARG H 57 -6.91 9.98 12.71
C ARG H 57 -6.20 10.34 14.01
N ASN H 58 -5.57 11.53 14.04
CA ASN H 58 -4.86 12.04 15.22
C ASN H 58 -4.05 10.92 15.88
N GLY H 59 -3.33 10.17 15.03
CA GLY H 59 -2.53 9.05 15.51
C GLY H 59 -3.30 7.77 15.73
N LYS H 60 -4.60 7.73 15.43
CA LYS H 60 -5.40 6.51 15.51
C LYS H 60 -5.47 5.88 14.13
N LYS H 61 -5.05 4.63 14.03
CA LYS H 61 -4.95 3.91 12.76
C LYS H 61 -6.21 3.08 12.54
N LEU H 62 -6.86 3.30 11.39
CA LEU H 62 -8.08 2.59 11.02
C LEU H 62 -7.78 1.57 9.93
N VAL H 63 -8.29 0.35 10.10
CA VAL H 63 -8.08 -0.70 9.10
C VAL H 63 -9.43 -1.09 8.51
N PRO H 64 -9.47 -1.56 7.26
CA PRO H 64 -10.77 -1.87 6.64
C PRO H 64 -11.45 -3.03 7.34
N SER H 65 -12.73 -2.84 7.66
CA SER H 65 -13.49 -3.89 8.33
C SER H 65 -14.39 -4.67 7.39
N TRP H 66 -14.79 -4.07 6.27
CA TRP H 66 -15.57 -4.76 5.25
C TRP H 66 -15.33 -4.08 3.90
N ALA H 67 -15.30 -4.89 2.84
CA ALA H 67 -15.12 -4.34 1.50
C ALA H 67 -15.81 -5.24 0.48
N SER H 68 -16.32 -4.62 -0.59
CA SER H 68 -16.92 -5.34 -1.70
C SER H 68 -16.42 -4.70 -3.00
N VAL H 69 -15.61 -5.45 -3.76
CA VAL H 69 -15.01 -4.87 -4.97
C VAL H 69 -16.06 -4.59 -6.03
N LYS H 70 -17.12 -5.41 -6.12
CA LYS H 70 -18.08 -5.20 -7.19
C LYS H 70 -19.01 -4.03 -6.88
N GLU H 71 -19.28 -3.78 -5.60
CA GLU H 71 -20.01 -2.58 -5.21
C GLU H 71 -19.07 -1.38 -5.12
N ASP H 72 -17.75 -1.63 -5.07
CA ASP H 72 -16.73 -0.57 -4.98
C ASP H 72 -16.89 0.23 -3.69
N LEU H 73 -17.20 -0.45 -2.59
CA LEU H 73 -17.37 0.18 -1.29
C LEU H 73 -16.52 -0.51 -0.24
N VAL H 74 -16.00 0.27 0.70
CA VAL H 74 -15.19 -0.25 1.80
C VAL H 74 -15.54 0.55 3.05
N ALA H 75 -15.57 -0.13 4.19
CA ALA H 75 -15.87 0.47 5.47
C ALA H 75 -14.76 0.19 6.46
N TYR H 76 -14.51 1.14 7.36
CA TYR H 76 -13.44 1.06 8.34
C TYR H 76 -14.00 1.19 9.75
N GLY H 77 -13.64 0.25 10.61
CA GLY H 77 -14.00 0.37 12.02
C GLY H 77 -15.40 -0.07 12.39
N GLY H 78 -16.04 -0.86 11.55
CA GLY H 78 -17.34 -1.43 11.85
C GLY H 78 -18.08 -1.78 10.57
N SER H 79 -19.36 -2.13 10.75
CA SER H 79 -20.16 -2.58 9.62
C SER H 79 -20.69 -1.37 8.84
N TRP H 80 -21.27 -1.64 7.68
CA TRP H 80 -21.76 -0.57 6.83
C TRP H 80 -23.03 0.03 7.45
N LYS H 81 -22.94 1.30 7.82
CA LYS H 81 -24.00 1.95 8.61
C LYS H 81 -24.82 2.97 7.83
N LEU H 82 -24.58 3.11 6.52
CA LEU H 82 -25.37 4.03 5.71
C LEU H 82 -26.58 3.26 5.19
N ASP H 83 -27.77 3.72 5.57
CA ASP H 83 -29.00 2.98 5.31
C ASP H 83 -29.88 3.62 4.26
N GLY H 84 -29.54 4.83 3.80
CA GLY H 84 -30.39 5.48 2.82
C GLY H 84 -30.39 4.73 1.50
N ARG H 85 -31.55 4.70 0.86
CA ARG H 85 -31.72 4.04 -0.42
C ARG H 85 -32.58 4.93 -1.29
N TRP H 86 -32.26 4.97 -2.59
CA TRP H 86 -33.00 5.84 -3.49
C TRP H 86 -34.41 5.31 -3.71
N ASP H 87 -35.38 6.22 -3.68
CA ASP H 87 -36.76 5.82 -3.88
C ASP H 87 -37.07 5.54 -5.35
N GLY H 88 -36.39 6.24 -6.25
CA GLY H 88 -36.63 6.12 -7.68
C GLY H 88 -37.19 7.37 -8.32
N GLU H 89 -37.68 8.33 -7.54
CA GLU H 89 -38.22 9.56 -8.12
C GLU H 89 -37.85 10.83 -7.36
N GLU H 90 -37.18 10.73 -6.23
CA GLU H 90 -36.76 11.93 -5.51
C GLU H 90 -35.65 12.64 -6.26
N GLU H 91 -35.67 13.97 -6.22
CA GLU H 91 -34.50 14.74 -6.60
C GLU H 91 -33.41 14.54 -5.55
N VAL H 92 -32.18 14.38 -6.02
CA VAL H 92 -31.07 14.02 -5.16
C VAL H 92 -30.08 15.17 -5.11
N GLN H 93 -29.19 15.12 -4.14
CA GLN H 93 -28.19 16.15 -3.95
C GLN H 93 -26.82 15.53 -3.77
N LEU H 94 -25.82 16.12 -4.42
CA LEU H 94 -24.44 15.67 -4.31
C LEU H 94 -23.64 16.73 -3.57
N ILE H 95 -23.11 16.36 -2.42
CA ILE H 95 -22.19 17.22 -1.68
C ILE H 95 -20.79 16.89 -2.22
N ALA H 96 -20.23 17.81 -3.00
CA ALA H 96 -19.02 17.55 -3.77
C ALA H 96 -17.82 18.15 -3.05
N ALA H 97 -16.98 17.29 -2.47
CA ALA H 97 -15.75 17.75 -1.83
C ALA H 97 -14.59 17.61 -2.81
N ALA H 98 -14.62 18.49 -3.81
CA ALA H 98 -13.56 18.53 -4.80
C ALA H 98 -12.24 18.93 -4.14
N PRO H 99 -11.11 18.42 -4.64
CA PRO H 99 -9.82 18.74 -4.02
C PRO H 99 -9.50 20.22 -4.18
N GLY H 100 -9.19 20.88 -3.06
CA GLY H 100 -8.84 22.28 -3.09
C GLY H 100 -9.98 23.25 -3.27
N LYS H 101 -11.23 22.78 -3.25
CA LYS H 101 -12.38 23.64 -3.45
C LYS H 101 -13.33 23.53 -2.27
N ASN H 102 -14.11 24.59 -2.05
CA ASN H 102 -15.07 24.60 -0.96
C ASN H 102 -16.16 23.57 -1.21
N VAL H 103 -16.63 22.93 -0.14
CA VAL H 103 -17.69 21.95 -0.27
C VAL H 103 -18.95 22.63 -0.78
N VAL H 104 -19.49 22.09 -1.88
CA VAL H 104 -20.67 22.64 -2.52
C VAL H 104 -21.70 21.53 -2.69
N ASN H 105 -22.96 21.86 -2.50
CA ASN H 105 -24.06 20.94 -2.71
C ASN H 105 -24.68 21.21 -4.07
N VAL H 106 -24.91 20.16 -4.83
CA VAL H 106 -25.51 20.26 -6.16
C VAL H 106 -26.66 19.27 -6.22
N GLN H 107 -27.81 19.74 -6.67
CA GLN H 107 -29.01 18.93 -6.75
C GLN H 107 -29.28 18.58 -8.21
N THR H 108 -29.80 17.38 -8.45
CA THR H 108 -30.02 16.93 -9.81
C THR H 108 -31.21 15.99 -9.86
N LYS H 109 -31.86 15.96 -11.01
CA LYS H 109 -32.79 14.89 -11.31
C LYS H 109 -31.98 13.68 -11.73
N PRO H 110 -32.09 12.55 -11.03
CA PRO H 110 -31.13 11.46 -11.25
C PRO H 110 -31.30 10.83 -12.62
N SER H 111 -30.22 10.20 -13.07
CA SER H 111 -30.22 9.37 -14.25
C SER H 111 -30.40 7.92 -13.82
N LEU H 112 -30.33 7.00 -14.78
CA LEU H 112 -30.52 5.60 -14.45
C LEU H 112 -29.57 4.73 -15.27
N PHE H 113 -29.06 3.68 -14.62
CA PHE H 113 -28.22 2.67 -15.25
C PHE H 113 -29.01 1.37 -15.28
N LYS H 114 -29.35 0.89 -16.47
CA LYS H 114 -29.99 -0.40 -16.61
C LYS H 114 -28.92 -1.46 -16.90
N VAL H 115 -28.61 -2.31 -15.91
CA VAL H 115 -27.56 -3.30 -16.10
C VAL H 115 -28.13 -4.54 -16.77
N LYS H 116 -27.43 -5.02 -17.80
CA LYS H 116 -27.82 -6.25 -18.48
C LYS H 116 -27.88 -7.40 -17.48
N ASN H 117 -28.96 -8.19 -17.56
CA ASN H 117 -29.16 -9.36 -16.71
C ASN H 117 -29.13 -8.97 -15.23
N GLY H 118 -29.81 -7.86 -14.91
CA GLY H 118 -29.89 -7.38 -13.54
C GLY H 118 -31.04 -6.44 -13.26
N GLY H 119 -30.79 -5.38 -12.48
CA GLY H 119 -31.81 -4.42 -12.11
C GLY H 119 -31.41 -2.98 -12.39
N GLU H 120 -32.28 -2.07 -11.96
CA GLU H 120 -32.01 -0.64 -12.12
C GLU H 120 -31.33 -0.03 -10.90
N ILE H 121 -30.43 0.91 -11.16
CA ILE H 121 -29.76 1.71 -10.13
C ILE H 121 -29.62 3.14 -10.64
N GLY H 122 -29.82 4.11 -9.75
CA GLY H 122 -29.78 5.51 -10.13
C GLY H 122 -28.37 6.02 -10.37
N ALA H 123 -28.29 7.10 -11.14
CA ALA H 123 -27.02 7.70 -11.54
C ALA H 123 -27.16 9.22 -11.59
N VAL H 124 -26.02 9.90 -11.47
CA VAL H 124 -25.94 11.36 -11.46
C VAL H 124 -24.97 11.82 -12.54
N ALA H 125 -25.40 12.74 -13.38
CA ALA H 125 -24.57 13.25 -14.47
C ALA H 125 -23.92 14.57 -14.06
N LEU H 126 -22.93 14.46 -13.17
CA LEU H 126 -22.11 15.60 -12.76
C LEU H 126 -20.63 15.20 -12.77
N ASP H 127 -19.84 15.98 -13.50
CA ASP H 127 -18.44 15.67 -13.77
C ASP H 127 -17.55 16.34 -12.73
N TYR H 128 -16.93 15.55 -11.86
CA TYR H 128 -16.05 16.08 -10.83
C TYR H 128 -14.72 15.34 -10.83
N PRO H 129 -13.65 16.02 -10.41
CA PRO H 129 -12.30 15.43 -10.49
C PRO H 129 -12.13 14.17 -9.66
N SER H 130 -11.02 13.48 -9.92
CA SER H 130 -10.60 12.41 -9.03
C SER H 130 -10.21 13.03 -7.70
N GLY H 131 -10.52 12.34 -6.61
CA GLY H 131 -10.43 12.92 -5.29
C GLY H 131 -11.76 13.41 -4.76
N THR H 132 -12.74 13.62 -5.64
CA THR H 132 -14.12 13.78 -5.21
C THR H 132 -14.83 12.44 -5.08
N SER H 133 -14.10 11.41 -5.38
CA SER H 133 -14.69 10.05 -5.34
C SER H 133 -15.06 9.73 -3.89
N GLY H 134 -16.20 9.14 -3.63
CA GLY H 134 -16.62 8.90 -2.27
C GLY H 134 -17.50 9.98 -1.69
N SER H 135 -17.86 10.99 -2.47
CA SER H 135 -18.70 12.06 -1.93
C SER H 135 -20.11 11.54 -1.72
N PRO H 136 -20.82 12.07 -0.74
CA PRO H 136 -22.15 11.54 -0.43
C PRO H 136 -23.22 12.10 -1.34
N ILE H 137 -24.20 11.25 -1.64
CA ILE H 137 -25.42 11.63 -2.34
C ILE H 137 -26.57 11.40 -1.37
N VAL H 138 -27.40 12.41 -1.19
CA VAL H 138 -28.37 12.42 -0.12
C VAL H 138 -29.74 12.83 -0.64
N ASN H 139 -30.78 12.43 0.08
CA ASN H 139 -32.16 12.70 -0.30
C ASN H 139 -32.65 13.95 0.42
N ARG H 140 -33.94 14.28 0.23
CA ARG H 140 -34.46 15.52 0.80
C ARG H 140 -34.40 15.53 2.31
N ASN H 141 -34.44 14.36 2.96
CA ASN H 141 -34.37 14.27 4.40
C ASN H 141 -32.96 14.42 4.96
N GLY H 142 -31.92 14.35 4.12
CA GLY H 142 -30.55 14.40 4.59
C GLY H 142 -29.88 13.08 4.91
N GLU H 143 -30.55 11.96 4.68
CA GLU H 143 -29.93 10.65 4.82
C GLU H 143 -29.14 10.32 3.54
N VAL H 144 -28.10 9.49 3.68
CA VAL H 144 -27.15 9.25 2.59
C VAL H 144 -27.67 8.11 1.71
N ILE H 145 -27.89 8.42 0.44
CA ILE H 145 -28.46 7.45 -0.49
C ILE H 145 -27.37 6.63 -1.17
N GLY H 146 -26.19 7.17 -1.34
CA GLY H 146 -25.10 6.46 -1.98
C GLY H 146 -23.90 7.36 -2.08
N LEU H 147 -22.79 6.78 -2.55
CA LEU H 147 -21.56 7.53 -2.74
C LEU H 147 -21.30 7.74 -4.22
N TYR H 148 -20.46 8.73 -4.51
CA TYR H 148 -20.16 9.17 -5.86
C TYR H 148 -18.76 8.75 -6.25
N GLY H 149 -18.58 8.37 -7.51
CA GLY H 149 -17.24 8.09 -8.01
C GLY H 149 -17.08 6.87 -8.91
N ASN H 150 -18.11 6.05 -9.04
CA ASN H 150 -18.06 4.88 -9.91
C ASN H 150 -19.08 5.05 -11.02
N GLY H 151 -18.60 5.10 -12.26
CA GLY H 151 -19.50 5.30 -13.39
C GLY H 151 -18.88 5.10 -14.76
N ILE H 152 -19.45 5.77 -15.76
CA ILE H 152 -19.05 5.60 -17.15
C ILE H 152 -18.73 6.95 -17.75
N LEU H 153 -18.04 6.91 -18.88
CA LEU H 153 -17.88 8.07 -19.75
C LEU H 153 -18.85 7.88 -20.91
N VAL H 154 -19.60 8.92 -21.26
CA VAL H 154 -20.58 8.79 -22.32
C VAL H 154 -20.04 9.48 -23.57
N GLY H 155 -20.88 9.65 -24.60
CA GLY H 155 -20.37 10.02 -25.91
C GLY H 155 -19.63 11.35 -25.93
N ASP H 156 -20.12 12.32 -25.18
CA ASP H 156 -19.47 13.63 -25.14
C ASP H 156 -18.26 13.64 -24.19
N ASN H 157 -17.90 12.48 -23.64
CA ASN H 157 -16.75 12.22 -22.77
C ASN H 157 -16.95 12.79 -21.37
N SER H 158 -18.10 13.34 -21.05
CA SER H 158 -18.34 13.71 -19.67
C SER H 158 -18.50 12.46 -18.81
N PHE H 159 -18.30 12.62 -17.52
CA PHE H 159 -18.41 11.51 -16.60
C PHE H 159 -19.81 11.47 -16.01
N VAL H 160 -20.36 10.27 -15.88
CA VAL H 160 -21.63 10.05 -15.19
C VAL H 160 -21.41 8.97 -14.16
N SER H 161 -21.72 9.27 -12.91
CA SER H 161 -21.47 8.38 -11.79
C SER H 161 -22.76 7.69 -11.37
N ALA H 162 -22.60 6.54 -10.73
CA ALA H 162 -23.72 5.81 -10.15
C ALA H 162 -23.83 6.15 -8.66
N ILE H 163 -25.07 6.15 -8.16
CA ILE H 163 -25.32 6.37 -6.75
C ILE H 163 -25.03 5.06 -6.04
N SER H 164 -23.76 4.86 -5.69
CA SER H 164 -23.27 3.56 -5.20
C SER H 164 -23.73 3.31 -3.78
N GLN H 165 -24.53 2.26 -3.58
CA GLN H 165 -25.05 1.90 -2.27
C GLN H 165 -25.10 0.38 -2.15
N THR H 166 -25.12 -0.10 -0.90
CA THR H 166 -25.22 -1.52 -0.59
C THR H 166 -26.67 -2.01 -0.63
#